data_6OXM
#
_entry.id   6OXM
#
_cell.length_a   56.050
_cell.length_b   121.372
_cell.length_c   76.545
_cell.angle_alpha   90.00
_cell.angle_beta   102.01
_cell.angle_gamma   90.00
#
_symmetry.space_group_name_H-M   'P 1 21 1'
#
loop_
_entity.id
_entity.type
_entity.pdbx_description
1 polymer 'Diaminopimelate aminotransferase'
2 water water
#
_entity_poly.entity_id   1
_entity_poly.type   'polypeptide(L)'
_entity_poly.pdbx_seq_one_letter_code
;MALINENFLKLKAGYLFPEIARRVKAFTEGNPEAAQRLIRCGIGDVTEALPEAVRYAMHEAVDELGNRSTFKGYGPEQGY
DFLRNAIADNDYKARGLPIEADEIFISDGSKCDTGNILDIFGQGNTIAITDPVYPVYVDTNVMIGNTGEADENGAYAGLV
YLKCTPENGFVPDIPQEKADLIYLCYPNNPTGAVATRPQLEAWVKYARENGSVLLYDAAYEAFIQDPTIPHSIFEIEGAR
DCAIEFRSFSKNGGFTGVRCAYVVIPKSLMGRKKNGEAQALHPLWSRRHSTKFNGASYIVQKGAEALYTDEGKSQTKALI
EHYMGNAALLVEACKNAGLSVFGGVNAPYVWVGCPAGLTSWQMFDKMLNEANVVITPGSGFGSAGEGYFRISAFNSRANV
EEVCRRIAALK
;
_entity_poly.pdbx_strand_id   A,B
#
# COMPACT_ATOMS: atom_id res chain seq x y z
N MET A 1 -13.70 13.54 -22.21
CA MET A 1 -12.46 13.16 -21.48
C MET A 1 -12.79 12.86 -20.00
N ALA A 2 -11.90 12.11 -19.32
CA ALA A 2 -12.13 11.57 -17.96
C ALA A 2 -11.72 12.60 -16.91
N LEU A 3 -12.62 12.90 -15.97
CA LEU A 3 -12.42 13.94 -14.93
C LEU A 3 -11.33 13.48 -13.96
N ILE A 4 -10.33 14.33 -13.73
CA ILE A 4 -9.23 14.08 -12.75
C ILE A 4 -9.73 14.47 -11.35
N ASN A 5 -9.02 14.06 -10.30
CA ASN A 5 -9.28 14.50 -8.91
C ASN A 5 -8.66 15.89 -8.73
N GLU A 6 -9.49 16.94 -8.80
CA GLU A 6 -9.11 18.38 -8.76
C GLU A 6 -8.43 18.74 -7.44
N ASN A 7 -8.64 17.95 -6.39
CA ASN A 7 -8.05 18.17 -5.06
C ASN A 7 -6.52 18.12 -5.16
N PHE A 8 -5.97 17.38 -6.13
CA PHE A 8 -4.51 17.28 -6.35
C PHE A 8 -3.93 18.63 -6.78
N LEU A 9 -4.72 19.46 -7.49
CA LEU A 9 -4.27 20.78 -8.02
C LEU A 9 -4.23 21.82 -6.88
N LYS A 10 -4.93 21.59 -5.77
CA LYS A 10 -4.87 22.45 -4.55
C LYS A 10 -3.47 22.38 -3.91
N LEU A 11 -2.71 21.30 -4.14
CA LEU A 11 -1.36 21.10 -3.56
C LEU A 11 -0.42 22.14 -4.17
N LYS A 12 0.19 22.99 -3.33
CA LYS A 12 1.07 24.11 -3.77
C LYS A 12 2.29 23.55 -4.52
N ALA A 13 2.88 22.44 -4.04
CA ALA A 13 4.10 21.82 -4.61
C ALA A 13 4.02 20.30 -4.50
N GLY A 14 5.07 19.59 -4.94
CA GLY A 14 5.24 18.15 -4.76
C GLY A 14 5.47 17.80 -3.30
N TYR A 15 5.38 16.52 -2.93
CA TYR A 15 5.62 16.02 -1.55
C TYR A 15 7.05 16.41 -1.15
N LEU A 16 7.21 16.85 0.10
CA LEU A 16 8.44 17.51 0.63
C LEU A 16 9.71 16.72 0.26
N PHE A 17 9.75 15.42 0.57
CA PHE A 17 11.01 14.63 0.56
C PHE A 17 11.51 14.41 -0.86
N PRO A 18 10.66 14.03 -1.84
CA PRO A 18 11.05 14.04 -3.25
C PRO A 18 11.48 15.43 -3.77
N GLU A 19 10.89 16.50 -3.24
CA GLU A 19 11.23 17.91 -3.59
C GLU A 19 12.68 18.21 -3.13
N ILE A 20 13.09 17.65 -1.99
CA ILE A 20 14.47 17.78 -1.44
C ILE A 20 15.44 16.96 -2.30
N ALA A 21 15.10 15.69 -2.55
CA ALA A 21 15.89 14.74 -3.38
C ALA A 21 16.18 15.37 -4.75
N ARG A 22 15.23 16.13 -5.28
CA ARG A 22 15.34 16.85 -6.58
C ARG A 22 16.44 17.92 -6.46
N ARG A 23 16.33 18.79 -5.45
CA ARG A 23 17.25 19.95 -5.25
C ARG A 23 18.66 19.45 -4.93
N VAL A 24 18.79 18.33 -4.24
CA VAL A 24 20.10 17.69 -3.90
C VAL A 24 20.74 17.19 -5.20
N LYS A 25 19.98 16.43 -6.01
CA LYS A 25 20.43 15.85 -7.29
C LYS A 25 20.94 16.98 -8.20
N ALA A 26 20.16 18.05 -8.33
CA ALA A 26 20.53 19.27 -9.11
C ALA A 26 21.89 19.78 -8.64
N PHE A 27 22.10 19.90 -7.33
CA PHE A 27 23.37 20.36 -6.71
C PHE A 27 24.49 19.36 -7.04
N THR A 28 24.24 18.06 -6.81
CA THR A 28 25.18 16.92 -7.05
C THR A 28 25.66 16.93 -8.51
N GLU A 29 24.76 17.17 -9.47
CA GLU A 29 25.07 17.25 -10.92
C GLU A 29 26.07 18.39 -11.15
N GLY A 30 25.69 19.60 -10.71
CA GLY A 30 26.44 20.85 -10.94
C GLY A 30 27.74 20.90 -10.15
N ASN A 31 27.87 20.10 -9.08
CA ASN A 31 29.01 20.16 -8.12
C ASN A 31 29.50 18.75 -7.79
N PRO A 32 30.26 18.09 -8.70
CA PRO A 32 30.72 16.72 -8.45
C PRO A 32 31.70 16.60 -7.27
N GLU A 33 32.54 17.62 -7.06
CA GLU A 33 33.54 17.69 -5.95
C GLU A 33 32.81 17.76 -4.59
N ALA A 34 31.76 18.58 -4.49
CA ALA A 34 30.96 18.76 -3.26
C ALA A 34 30.20 17.47 -2.93
N ALA A 35 29.67 16.80 -3.96
CA ALA A 35 28.85 15.56 -3.87
C ALA A 35 29.60 14.48 -3.09
N GLN A 36 30.93 14.39 -3.25
CA GLN A 36 31.82 13.42 -2.53
C GLN A 36 31.84 13.73 -1.03
N ARG A 37 31.64 15.00 -0.65
CA ARG A 37 31.74 15.50 0.75
C ARG A 37 30.36 15.52 1.42
N LEU A 38 29.30 15.30 0.65
CA LEU A 38 27.89 15.46 1.09
C LEU A 38 27.58 14.49 2.24
N ILE A 39 26.91 14.96 3.28
CA ILE A 39 26.36 14.11 4.37
C ILE A 39 24.84 14.33 4.40
N ARG A 40 24.08 13.24 4.48
CA ARG A 40 22.60 13.24 4.36
C ARG A 40 21.98 13.15 5.76
N CYS A 41 21.48 14.27 6.28
CA CYS A 41 20.76 14.38 7.56
C CYS A 41 19.34 14.92 7.34
N GLY A 42 18.82 14.75 6.12
CA GLY A 42 17.41 15.03 5.78
C GLY A 42 16.52 13.91 6.29
N ILE A 43 16.20 12.94 5.42
CA ILE A 43 15.63 11.62 5.81
C ILE A 43 16.65 10.89 6.71
N GLY A 44 17.94 10.92 6.32
CA GLY A 44 19.02 10.21 7.01
C GLY A 44 19.64 9.13 6.14
N ASP A 45 20.68 8.46 6.65
CA ASP A 45 21.59 7.58 5.88
C ASP A 45 22.15 6.49 6.81
N VAL A 46 21.32 5.51 7.18
CA VAL A 46 21.68 4.43 8.16
C VAL A 46 22.59 3.41 7.48
N THR A 47 23.50 2.80 8.26
CA THR A 47 24.43 1.73 7.83
C THR A 47 23.76 0.35 8.00
N GLU A 48 23.36 0.00 9.24
CA GLU A 48 22.70 -1.28 9.58
C GLU A 48 21.18 -1.07 9.59
N ALA A 49 20.55 -1.20 8.42
CA ALA A 49 19.08 -1.08 8.22
C ALA A 49 18.38 -2.38 8.69
N LEU A 50 19.15 -3.42 9.08
CA LEU A 50 18.61 -4.69 9.64
C LEU A 50 19.54 -5.21 10.72
N PRO A 51 19.06 -5.38 11.98
CA PRO A 51 19.78 -6.11 13.02
C PRO A 51 19.95 -7.60 12.70
N GLU A 52 20.94 -8.24 13.35
CA GLU A 52 21.34 -9.66 13.11
C GLU A 52 20.10 -10.55 13.21
N ALA A 53 19.34 -10.44 14.29
CA ALA A 53 18.15 -11.27 14.61
C ALA A 53 17.14 -11.19 13.45
N VAL A 54 16.95 -10.00 12.89
CA VAL A 54 16.00 -9.73 11.78
C VAL A 54 16.53 -10.37 10.49
N ARG A 55 17.83 -10.26 10.21
CA ARG A 55 18.47 -10.82 8.98
C ARG A 55 18.34 -12.34 9.02
N TYR A 56 18.70 -12.95 10.15
CA TYR A 56 18.59 -14.42 10.36
C TYR A 56 17.17 -14.86 10.00
N ALA A 57 16.16 -14.18 10.55
CA ALA A 57 14.73 -14.51 10.38
C ALA A 57 14.31 -14.34 8.91
N MET A 58 14.79 -13.29 8.25
CA MET A 58 14.44 -12.99 6.83
C MET A 58 15.06 -14.05 5.91
N HIS A 59 16.32 -14.45 6.13
CA HIS A 59 17.00 -15.55 5.38
C HIS A 59 16.20 -16.84 5.54
N GLU A 60 15.80 -17.19 6.75
CA GLU A 60 15.02 -18.41 7.04
C GLU A 60 13.69 -18.34 6.27
N ALA A 61 13.02 -17.18 6.31
CA ALA A 61 11.70 -16.97 5.66
C ALA A 61 11.83 -17.10 4.13
N VAL A 62 12.90 -16.55 3.54
CA VAL A 62 13.16 -16.65 2.07
C VAL A 62 13.23 -18.13 1.67
N ASP A 63 13.99 -18.91 2.42
CA ASP A 63 14.17 -20.37 2.17
C ASP A 63 12.84 -21.10 2.39
N GLU A 64 12.06 -20.70 3.39
CA GLU A 64 10.74 -21.28 3.75
C GLU A 64 9.78 -21.14 2.57
N LEU A 65 9.72 -19.97 1.93
CA LEU A 65 8.83 -19.71 0.75
C LEU A 65 9.25 -20.58 -0.44
N GLY A 66 10.54 -20.91 -0.55
CA GLY A 66 11.09 -21.81 -1.59
C GLY A 66 10.65 -23.25 -1.41
N ASN A 67 10.44 -23.69 -0.17
CA ASN A 67 10.09 -25.08 0.22
C ASN A 67 8.57 -25.25 0.28
N ARG A 68 7.91 -24.35 1.03
CA ARG A 68 6.43 -24.15 1.04
C ARG A 68 6.13 -22.66 1.29
N PRO A 76 -3.80 -13.86 5.09
CA PRO A 76 -4.56 -13.00 6.02
C PRO A 76 -4.06 -11.55 5.97
N GLU A 77 -4.83 -10.66 5.31
CA GLU A 77 -4.40 -9.25 5.04
C GLU A 77 -4.13 -8.52 6.36
N GLN A 78 -4.94 -8.78 7.40
CA GLN A 78 -4.82 -8.16 8.75
C GLN A 78 -3.41 -8.41 9.31
N GLY A 79 -2.75 -9.49 8.88
CA GLY A 79 -1.38 -9.88 9.29
C GLY A 79 -1.39 -11.29 9.86
N TYR A 80 -0.24 -11.97 9.87
CA TYR A 80 -0.12 -13.34 10.43
C TYR A 80 -0.39 -13.30 11.95
N ASP A 81 -0.95 -14.40 12.47
CA ASP A 81 -1.22 -14.61 13.91
C ASP A 81 0.05 -14.38 14.72
N PHE A 82 1.18 -14.95 14.29
CA PHE A 82 2.44 -14.96 15.07
C PHE A 82 2.89 -13.52 15.36
N LEU A 83 2.65 -12.58 14.44
CA LEU A 83 3.11 -11.17 14.59
C LEU A 83 2.05 -10.36 15.34
N ARG A 84 0.77 -10.55 15.03
CA ARG A 84 -0.34 -9.86 15.75
C ARG A 84 -0.29 -10.25 17.24
N ASN A 85 -0.03 -11.53 17.54
CA ASN A 85 0.09 -12.04 18.94
C ASN A 85 1.33 -11.45 19.60
N ALA A 86 2.49 -11.46 18.91
CA ALA A 86 3.76 -10.92 19.43
C ALA A 86 3.57 -9.45 19.81
N ILE A 87 2.86 -8.68 18.98
CA ILE A 87 2.60 -7.22 19.20
C ILE A 87 1.67 -7.07 20.41
N ALA A 88 0.51 -7.73 20.38
CA ALA A 88 -0.49 -7.71 21.48
C ALA A 88 0.20 -8.07 22.80
N ASP A 89 1.00 -9.14 22.82
CA ASP A 89 1.62 -9.68 24.06
C ASP A 89 2.67 -8.71 24.59
N ASN A 90 3.57 -8.20 23.74
CA ASN A 90 4.80 -7.49 24.18
C ASN A 90 4.57 -5.99 24.32
N ASP A 91 3.86 -5.36 23.38
CA ASP A 91 3.70 -3.87 23.33
C ASP A 91 2.46 -3.44 24.13
N TYR A 92 1.54 -4.36 24.44
CA TYR A 92 0.27 -4.00 25.14
C TYR A 92 0.11 -4.83 26.42
N LYS A 93 -0.12 -6.14 26.33
CA LYS A 93 -0.49 -6.99 27.49
C LYS A 93 0.59 -6.94 28.58
N ALA A 94 1.87 -6.99 28.20
CA ALA A 94 3.04 -6.99 29.11
C ALA A 94 3.23 -5.61 29.78
N ARG A 95 2.47 -4.60 29.33
CA ARG A 95 2.46 -3.21 29.90
C ARG A 95 1.10 -2.92 30.55
N GLY A 96 0.22 -3.93 30.64
CA GLY A 96 -1.10 -3.83 31.28
C GLY A 96 -2.08 -2.99 30.45
N LEU A 97 -1.92 -2.97 29.13
CA LEU A 97 -2.80 -2.17 28.23
C LEU A 97 -3.86 -3.08 27.65
N PRO A 98 -5.14 -2.63 27.59
CA PRO A 98 -6.23 -3.46 27.10
C PRO A 98 -6.35 -3.44 25.58
N ILE A 99 -5.44 -4.13 24.88
CA ILE A 99 -5.47 -4.31 23.40
C ILE A 99 -5.37 -5.82 23.09
N GLU A 100 -6.21 -6.30 22.17
CA GLU A 100 -6.25 -7.71 21.70
C GLU A 100 -5.60 -7.80 20.32
N ALA A 101 -5.11 -8.98 19.96
CA ALA A 101 -4.46 -9.30 18.65
C ALA A 101 -5.37 -8.94 17.47
N ASP A 102 -6.69 -9.09 17.61
CA ASP A 102 -7.64 -8.88 16.48
C ASP A 102 -7.94 -7.39 16.32
N GLU A 103 -7.35 -6.52 17.15
CA GLU A 103 -7.46 -5.05 17.02
C GLU A 103 -6.19 -4.49 16.35
N ILE A 104 -5.22 -5.36 16.03
CA ILE A 104 -3.92 -5.03 15.35
C ILE A 104 -4.07 -5.29 13.85
N PHE A 105 -3.77 -4.29 13.02
CA PHE A 105 -3.74 -4.40 11.53
C PHE A 105 -2.31 -4.13 11.05
N ILE A 106 -1.64 -5.18 10.56
CA ILE A 106 -0.24 -5.13 10.02
C ILE A 106 -0.27 -4.52 8.61
N SER A 107 0.63 -3.56 8.35
CA SER A 107 0.77 -2.87 7.05
C SER A 107 2.25 -2.86 6.59
N ASP A 108 2.52 -2.15 5.49
CA ASP A 108 3.87 -2.02 4.89
C ASP A 108 4.58 -0.76 5.42
N GLY A 109 3.87 0.15 6.10
CA GLY A 109 4.48 1.31 6.77
C GLY A 109 3.45 2.28 7.33
N SER A 110 3.84 3.11 8.31
CA SER A 110 2.98 4.10 9.00
C SER A 110 2.58 5.24 8.04
N LYS A 111 3.47 5.62 7.12
CA LYS A 111 3.20 6.61 6.05
C LYS A 111 1.91 6.21 5.31
N CYS A 112 1.81 4.93 4.95
CA CYS A 112 0.66 4.32 4.25
C CYS A 112 -0.59 4.36 5.15
N ASP A 113 -0.47 3.90 6.40
CA ASP A 113 -1.61 3.81 7.36
C ASP A 113 -2.17 5.20 7.66
N THR A 114 -1.32 6.16 8.06
CA THR A 114 -1.73 7.55 8.44
C THR A 114 -2.32 8.26 7.21
N GLY A 115 -1.79 7.98 6.02
CA GLY A 115 -2.30 8.51 4.74
C GLY A 115 -3.67 7.94 4.39
N ASN A 116 -3.85 6.62 4.56
CA ASN A 116 -5.02 5.88 4.02
C ASN A 116 -6.16 5.79 5.06
N ILE A 117 -5.95 6.23 6.31
CA ILE A 117 -6.97 6.12 7.39
C ILE A 117 -8.22 6.91 7.01
N LEU A 118 -8.07 8.01 6.27
CA LEU A 118 -9.17 8.91 5.83
C LEU A 118 -10.17 8.19 4.92
N ASP A 119 -9.80 7.03 4.32
CA ASP A 119 -10.69 6.25 3.42
C ASP A 119 -11.97 5.80 4.15
N ILE A 120 -11.92 5.59 5.48
CA ILE A 120 -13.07 5.06 6.27
C ILE A 120 -13.85 6.21 6.93
N PHE A 121 -13.46 7.47 6.72
CA PHE A 121 -14.17 8.68 7.21
C PHE A 121 -14.79 9.39 6.01
N GLY A 122 -15.91 10.10 6.23
CA GLY A 122 -16.65 10.85 5.20
C GLY A 122 -16.08 12.25 5.02
N GLN A 123 -16.81 13.12 4.32
CA GLN A 123 -16.42 14.54 4.07
C GLN A 123 -17.19 15.43 5.05
N GLY A 124 -16.62 16.59 5.40
CA GLY A 124 -17.27 17.64 6.20
C GLY A 124 -16.92 17.56 7.69
N ASN A 125 -16.11 16.55 8.08
CA ASN A 125 -15.54 16.44 9.44
C ASN A 125 -14.62 17.65 9.68
N THR A 126 -14.56 18.14 10.92
CA THR A 126 -13.56 19.15 11.36
C THR A 126 -12.27 18.42 11.74
N ILE A 127 -11.19 18.68 10.99
CA ILE A 127 -9.85 18.02 11.16
C ILE A 127 -8.92 18.99 11.92
N ALA A 128 -8.37 18.56 13.05
CA ALA A 128 -7.31 19.27 13.81
C ALA A 128 -5.98 18.55 13.61
N ILE A 129 -4.93 19.30 13.27
CA ILE A 129 -3.55 18.77 13.03
C ILE A 129 -2.56 19.65 13.80
N THR A 130 -1.68 19.05 14.60
CA THR A 130 -0.56 19.75 15.28
C THR A 130 0.33 20.38 14.20
N ASP A 131 0.82 21.59 14.45
CA ASP A 131 1.67 22.38 13.53
C ASP A 131 2.89 22.87 14.31
N PRO A 132 4.14 22.56 13.89
CA PRO A 132 4.43 21.78 12.69
C PRO A 132 4.38 20.26 12.92
N VAL A 133 4.23 19.47 11.85
CA VAL A 133 4.21 17.98 11.92
C VAL A 133 4.50 17.39 10.52
N TYR A 134 4.93 16.13 10.50
CA TYR A 134 5.03 15.22 9.32
C TYR A 134 3.94 15.58 8.32
N PRO A 135 4.31 16.02 7.08
CA PRO A 135 3.33 16.64 6.17
C PRO A 135 2.33 15.70 5.48
N VAL A 136 2.47 14.38 5.68
CA VAL A 136 1.54 13.35 5.09
C VAL A 136 0.10 13.65 5.51
N TYR A 137 -0.15 14.02 6.78
CA TYR A 137 -1.53 14.19 7.31
C TYR A 137 -2.24 15.30 6.53
N VAL A 138 -1.57 16.45 6.38
CA VAL A 138 -2.10 17.63 5.65
C VAL A 138 -2.36 17.23 4.20
N ASP A 139 -1.33 16.72 3.50
CA ASP A 139 -1.34 16.50 2.03
C ASP A 139 -2.45 15.49 1.67
N THR A 140 -2.60 14.40 2.43
CA THR A 140 -3.64 13.36 2.16
C THR A 140 -5.03 13.93 2.43
N ASN A 141 -5.16 14.82 3.42
CA ASN A 141 -6.43 15.55 3.71
C ASN A 141 -6.76 16.47 2.53
N VAL A 142 -5.76 17.05 1.87
CA VAL A 142 -5.98 17.91 0.67
C VAL A 142 -6.47 17.04 -0.49
N MET A 143 -5.83 15.89 -0.71
CA MET A 143 -6.06 14.95 -1.85
C MET A 143 -7.49 14.38 -1.82
N ILE A 144 -8.00 14.01 -0.64
CA ILE A 144 -9.33 13.35 -0.49
C ILE A 144 -10.46 14.41 -0.50
N GLY A 145 -10.11 15.70 -0.42
CA GLY A 145 -11.07 16.82 -0.50
C GLY A 145 -11.59 17.27 0.86
N ASN A 146 -10.77 17.22 1.91
CA ASN A 146 -11.15 17.60 3.31
C ASN A 146 -10.74 19.05 3.62
N THR A 147 -10.27 19.81 2.63
CA THR A 147 -9.69 21.17 2.83
C THR A 147 -10.17 22.13 1.72
N GLY A 148 -9.80 23.41 1.86
CA GLY A 148 -9.81 24.42 0.79
C GLY A 148 -8.41 24.66 0.27
N GLU A 149 -8.17 25.83 -0.33
CA GLU A 149 -6.89 26.21 -0.99
C GLU A 149 -5.85 26.56 0.08
N ALA A 150 -4.56 26.60 -0.30
CA ALA A 150 -3.42 27.00 0.55
C ALA A 150 -3.27 28.53 0.51
N ASP A 151 -2.66 29.11 1.55
CA ASP A 151 -2.35 30.57 1.63
C ASP A 151 -0.84 30.74 1.37
N GLU A 152 -0.32 31.95 1.59
CA GLU A 152 1.09 32.32 1.33
C GLU A 152 2.05 31.32 2.00
N ASN A 153 1.71 30.84 3.21
CA ASN A 153 2.62 30.05 4.09
C ASN A 153 2.32 28.55 4.00
N GLY A 154 1.42 28.14 3.09
CA GLY A 154 1.14 26.72 2.80
C GLY A 154 0.21 26.08 3.83
N ALA A 155 -0.64 26.88 4.49
CA ALA A 155 -1.74 26.43 5.37
C ALA A 155 -3.04 26.41 4.58
N TYR A 156 -3.72 25.25 4.56
CA TYR A 156 -4.95 24.99 3.77
C TYR A 156 -6.18 25.37 4.61
N ALA A 157 -7.12 26.11 4.01
CA ALA A 157 -8.41 26.50 4.62
C ALA A 157 -9.16 25.25 5.09
N GLY A 158 -9.88 25.36 6.23
CA GLY A 158 -10.75 24.30 6.79
C GLY A 158 -10.07 23.54 7.92
N LEU A 159 -8.79 23.18 7.75
CA LEU A 159 -7.98 22.48 8.78
C LEU A 159 -7.83 23.39 9.99
N VAL A 160 -7.98 22.83 11.19
CA VAL A 160 -7.72 23.51 12.49
C VAL A 160 -6.27 23.16 12.90
N TYR A 161 -5.35 24.11 12.75
CA TYR A 161 -3.91 23.93 13.04
C TYR A 161 -3.64 24.25 14.53
N LEU A 162 -3.19 23.26 15.29
CA LEU A 162 -2.81 23.42 16.72
C LEU A 162 -1.34 23.84 16.79
N LYS A 163 -1.08 25.12 17.07
CA LYS A 163 0.28 25.72 16.98
C LYS A 163 1.12 25.25 18.17
N CYS A 164 2.28 24.67 17.87
CA CYS A 164 3.32 24.24 18.84
C CYS A 164 4.59 25.07 18.59
N THR A 165 4.96 25.90 19.56
CA THR A 165 6.06 26.90 19.48
C THR A 165 6.97 26.78 20.70
N PRO A 166 8.21 27.33 20.66
CA PRO A 166 9.03 27.43 21.87
C PRO A 166 8.28 28.19 22.96
N GLU A 167 7.55 29.25 22.57
CA GLU A 167 6.72 30.13 23.45
C GLU A 167 5.82 29.27 24.34
N ASN A 168 5.09 28.30 23.78
CA ASN A 168 4.11 27.46 24.52
C ASN A 168 4.72 26.10 24.85
N GLY A 169 6.05 25.96 24.78
CA GLY A 169 6.78 24.72 25.11
C GLY A 169 6.44 23.57 24.17
N PHE A 170 5.97 23.87 22.95
CA PHE A 170 5.52 22.91 21.91
C PHE A 170 4.34 22.07 22.43
N VAL A 171 3.59 22.62 23.39
CA VAL A 171 2.30 22.09 23.94
C VAL A 171 1.16 22.81 23.23
N PRO A 172 0.35 22.11 22.39
CA PRO A 172 -0.80 22.76 21.75
C PRO A 172 -1.90 23.03 22.78
N ASP A 173 -2.51 24.22 22.73
CA ASP A 173 -3.78 24.55 23.42
C ASP A 173 -4.86 23.57 22.92
N ILE A 174 -5.54 22.87 23.83
CA ILE A 174 -6.80 22.13 23.51
C ILE A 174 -7.78 23.18 22.99
N PRO A 175 -8.27 23.05 21.74
CA PRO A 175 -8.94 24.16 21.06
C PRO A 175 -10.35 24.39 21.62
N GLN A 176 -10.90 25.59 21.37
CA GLN A 176 -12.32 25.94 21.64
C GLN A 176 -13.19 25.31 20.54
N GLU A 177 -12.69 25.29 19.30
CA GLU A 177 -13.30 24.54 18.17
C GLU A 177 -13.51 23.08 18.60
N LYS A 178 -14.63 22.48 18.19
CA LYS A 178 -14.94 21.04 18.42
C LYS A 178 -14.49 20.28 17.16
N ALA A 179 -13.35 19.59 17.24
CA ALA A 179 -12.74 18.82 16.12
C ALA A 179 -13.20 17.36 16.20
N ASP A 180 -13.50 16.77 15.04
CA ASP A 180 -14.00 15.37 14.89
C ASP A 180 -12.81 14.40 14.82
N LEU A 181 -11.77 14.78 14.08
CA LEU A 181 -10.49 14.01 13.96
C LEU A 181 -9.34 14.91 14.46
N ILE A 182 -8.48 14.36 15.31
CA ILE A 182 -7.32 15.08 15.89
C ILE A 182 -6.04 14.26 15.65
N TYR A 183 -5.12 14.78 14.84
CA TYR A 183 -3.79 14.18 14.60
C TYR A 183 -2.81 14.68 15.66
N LEU A 184 -2.35 13.77 16.51
CA LEU A 184 -1.23 13.97 17.47
C LEU A 184 -0.07 13.06 17.05
N CYS A 185 1.13 13.61 16.92
CA CYS A 185 2.39 12.87 16.68
C CYS A 185 3.27 13.01 17.92
N TYR A 186 3.53 11.91 18.63
CA TYR A 186 4.30 11.87 19.90
C TYR A 186 5.14 10.60 19.97
N PRO A 187 6.48 10.69 20.08
CA PRO A 187 7.20 11.95 19.96
C PRO A 187 6.92 12.67 18.63
N ASN A 188 6.80 14.00 18.67
CA ASN A 188 6.49 14.83 17.47
C ASN A 188 7.67 14.79 16.52
N ASN A 189 7.37 14.56 15.25
CA ASN A 189 8.28 14.82 14.10
C ASN A 189 7.77 16.11 13.47
N PRO A 190 8.55 17.23 13.45
CA PRO A 190 9.98 17.24 13.72
C PRO A 190 10.53 17.84 15.03
N THR A 191 9.67 18.30 15.94
CA THR A 191 10.06 19.14 17.11
C THR A 191 10.73 18.31 18.20
N GLY A 192 10.44 17.00 18.27
CA GLY A 192 10.95 16.12 19.33
C GLY A 192 10.13 16.23 20.61
N ALA A 193 9.07 17.05 20.61
CA ALA A 193 8.20 17.27 21.79
C ALA A 193 7.52 15.94 22.18
N VAL A 194 7.26 15.78 23.48
CA VAL A 194 6.49 14.65 24.04
C VAL A 194 5.31 15.20 24.85
N ALA A 195 4.18 14.47 24.86
CA ALA A 195 3.00 14.78 25.68
C ALA A 195 3.20 14.16 27.06
N THR A 196 2.87 14.88 28.14
CA THR A 196 2.83 14.33 29.52
C THR A 196 1.53 13.54 29.68
N ARG A 197 1.45 12.74 30.74
CA ARG A 197 0.28 11.89 31.09
C ARG A 197 -0.94 12.79 31.26
N PRO A 198 -0.86 13.89 32.06
CA PRO A 198 -2.00 14.79 32.22
C PRO A 198 -2.42 15.47 30.92
N GLN A 199 -1.47 15.75 30.01
CA GLN A 199 -1.77 16.35 28.68
C GLN A 199 -2.59 15.35 27.85
N LEU A 200 -2.20 14.07 27.85
CA LEU A 200 -2.96 13.00 27.14
C LEU A 200 -4.31 12.78 27.83
N GLU A 201 -4.35 12.82 29.17
CA GLU A 201 -5.60 12.71 29.95
C GLU A 201 -6.59 13.79 29.48
N ALA A 202 -6.12 15.02 29.27
CA ALA A 202 -6.95 16.16 28.84
C ALA A 202 -7.44 15.93 27.41
N TRP A 203 -6.56 15.45 26.53
CA TRP A 203 -6.90 15.14 25.10
C TRP A 203 -7.96 14.05 25.05
N VAL A 204 -7.81 13.00 25.86
CA VAL A 204 -8.80 11.87 25.92
C VAL A 204 -10.12 12.42 26.48
N LYS A 205 -10.07 13.34 27.45
CA LYS A 205 -11.29 13.98 28.02
C LYS A 205 -12.01 14.76 26.91
N TYR A 206 -11.28 15.62 26.19
CA TYR A 206 -11.80 16.45 25.05
C TYR A 206 -12.43 15.53 24.00
N ALA A 207 -11.69 14.51 23.56
CA ALA A 207 -12.11 13.58 22.49
C ALA A 207 -13.41 12.86 22.90
N ARG A 208 -13.47 12.33 24.12
CA ARG A 208 -14.62 11.53 24.60
C ARG A 208 -15.87 12.41 24.68
N GLU A 209 -15.76 13.63 25.20
CA GLU A 209 -16.92 14.53 25.45
C GLU A 209 -17.42 15.11 24.12
N ASN A 210 -16.56 15.18 23.10
CA ASN A 210 -16.92 15.71 21.75
C ASN A 210 -17.19 14.55 20.78
N GLY A 211 -17.12 13.30 21.25
CA GLY A 211 -17.29 12.09 20.43
C GLY A 211 -16.26 12.02 19.30
N SER A 212 -15.08 12.61 19.48
CA SER A 212 -14.02 12.76 18.45
C SER A 212 -13.15 11.51 18.42
N VAL A 213 -12.28 11.41 17.41
CA VAL A 213 -11.25 10.33 17.26
C VAL A 213 -9.87 10.97 17.32
N LEU A 214 -9.05 10.54 18.30
CA LEU A 214 -7.59 10.81 18.39
C LEU A 214 -6.86 9.86 17.43
N LEU A 215 -6.19 10.41 16.42
CA LEU A 215 -5.26 9.66 15.54
C LEU A 215 -3.84 9.87 16.10
N TYR A 216 -3.38 8.91 16.91
CA TYR A 216 -2.15 9.01 17.74
C TYR A 216 -1.01 8.30 17.02
N ASP A 217 -0.08 9.07 16.44
CA ASP A 217 1.13 8.57 15.71
C ASP A 217 2.30 8.45 16.70
N ALA A 218 2.62 7.21 17.08
CA ALA A 218 3.64 6.87 18.10
C ALA A 218 4.84 6.18 17.44
N ALA A 219 5.11 6.51 16.19
CA ALA A 219 6.19 5.92 15.36
C ALA A 219 7.55 5.98 16.06
N TYR A 220 7.84 7.03 16.85
CA TYR A 220 9.17 7.26 17.48
C TYR A 220 9.11 6.95 18.99
N GLU A 221 8.04 6.27 19.41
CA GLU A 221 7.77 5.76 20.79
C GLU A 221 9.06 5.24 21.44
N ALA A 222 9.80 4.38 20.74
CA ALA A 222 10.94 3.60 21.27
C ALA A 222 12.10 4.51 21.72
N PHE A 223 12.18 5.74 21.21
CA PHE A 223 13.31 6.67 21.43
C PHE A 223 13.08 7.51 22.69
N ILE A 224 11.90 7.44 23.32
CA ILE A 224 11.59 8.18 24.57
C ILE A 224 12.58 7.76 25.66
N GLN A 225 13.20 8.72 26.36
CA GLN A 225 14.23 8.49 27.40
C GLN A 225 13.70 8.92 28.78
N ASP A 226 12.84 9.93 28.82
CA ASP A 226 12.19 10.42 30.06
C ASP A 226 11.23 9.34 30.58
N PRO A 227 11.44 8.79 31.79
CA PRO A 227 10.61 7.69 32.29
C PRO A 227 9.18 8.08 32.71
N THR A 228 8.87 9.37 32.76
CA THR A 228 7.53 9.92 33.14
C THR A 228 6.60 10.02 31.93
N ILE A 229 7.11 9.81 30.71
CA ILE A 229 6.37 10.10 29.45
C ILE A 229 5.64 8.84 29.00
N PRO A 230 4.34 8.94 28.67
CA PRO A 230 3.60 7.81 28.10
C PRO A 230 4.12 7.42 26.71
N HIS A 231 4.12 6.12 26.40
CA HIS A 231 4.52 5.55 25.09
C HIS A 231 3.28 5.35 24.22
N SER A 232 2.17 4.89 24.81
CA SER A 232 0.91 4.53 24.11
C SER A 232 -0.26 5.33 24.68
N ILE A 233 -1.13 5.82 23.81
CA ILE A 233 -2.38 6.54 24.19
C ILE A 233 -3.25 5.61 25.04
N PHE A 234 -3.10 4.28 24.89
CA PHE A 234 -3.95 3.26 25.59
C PHE A 234 -3.43 3.01 27.00
N GLU A 235 -2.41 3.76 27.43
CA GLU A 235 -2.05 3.94 28.86
C GLU A 235 -3.11 4.82 29.55
N ILE A 236 -3.91 5.57 28.78
CA ILE A 236 -4.92 6.54 29.29
C ILE A 236 -6.30 5.88 29.33
N GLU A 237 -6.90 5.80 30.53
CA GLU A 237 -8.28 5.27 30.74
C GLU A 237 -9.25 6.01 29.81
N GLY A 238 -10.00 5.26 29.01
CA GLY A 238 -11.02 5.79 28.10
C GLY A 238 -10.52 5.96 26.68
N ALA A 239 -9.22 5.76 26.44
CA ALA A 239 -8.61 5.83 25.09
C ALA A 239 -9.35 4.87 24.13
N ARG A 240 -9.80 3.73 24.64
CA ARG A 240 -10.51 2.68 23.85
C ARG A 240 -11.76 3.28 23.19
N ASP A 241 -12.30 4.38 23.74
CA ASP A 241 -13.56 5.00 23.25
C ASP A 241 -13.29 6.13 22.25
N CYS A 242 -12.03 6.51 21.99
CA CYS A 242 -11.73 7.71 21.16
C CYS A 242 -10.36 7.70 20.47
N ALA A 243 -9.63 6.59 20.40
CA ALA A 243 -8.22 6.59 19.94
C ALA A 243 -7.95 5.49 18.92
N ILE A 244 -7.25 5.83 17.84
CA ILE A 244 -6.51 4.90 16.94
C ILE A 244 -5.02 5.18 17.12
N GLU A 245 -4.19 4.13 17.23
CA GLU A 245 -2.72 4.29 17.46
C GLU A 245 -1.96 3.73 16.25
N PHE A 246 -1.00 4.51 15.75
CA PHE A 246 -0.08 4.10 14.66
C PHE A 246 1.29 3.82 15.27
N ARG A 247 1.83 2.65 14.97
CA ARG A 247 3.16 2.18 15.42
C ARG A 247 3.95 1.73 14.19
N SER A 248 5.27 1.83 14.25
CA SER A 248 6.19 1.47 13.14
C SER A 248 7.37 0.67 13.67
N PHE A 249 7.72 -0.40 12.95
CA PHE A 249 8.98 -1.18 13.13
C PHE A 249 10.13 -0.47 12.40
N SER A 250 9.84 0.26 11.32
CA SER A 250 10.86 0.81 10.39
C SER A 250 11.47 2.11 10.94
N LYS A 251 10.62 3.05 11.37
CA LYS A 251 11.06 4.35 11.96
C LYS A 251 11.53 4.09 13.41
N ASN A 252 11.26 2.90 13.95
CA ASN A 252 11.89 2.34 15.19
C ASN A 252 13.32 1.88 14.84
N GLY A 253 14.25 2.01 15.79
CA GLY A 253 15.65 1.56 15.73
C GLY A 253 16.32 1.82 14.38
N GLY A 254 15.77 2.73 13.56
CA GLY A 254 16.34 3.15 12.26
C GLY A 254 16.44 2.03 11.24
N PHE A 255 15.86 0.85 11.51
CA PHE A 255 15.82 -0.30 10.57
C PHE A 255 14.78 -0.02 9.47
N THR A 256 15.08 0.95 8.59
CA THR A 256 14.20 1.37 7.46
C THR A 256 14.00 0.18 6.50
N GLY A 257 14.87 -0.84 6.59
CA GLY A 257 14.75 -2.12 5.88
C GLY A 257 13.53 -2.93 6.32
N VAL A 258 13.13 -2.84 7.60
CA VAL A 258 11.90 -3.54 8.13
C VAL A 258 10.68 -2.72 7.72
N ARG A 259 10.30 -2.79 6.44
CA ARG A 259 9.13 -2.09 5.85
C ARG A 259 7.85 -2.76 6.39
N CYS A 260 7.53 -2.49 7.65
CA CYS A 260 6.38 -3.08 8.38
C CYS A 260 5.94 -2.09 9.47
N ALA A 261 4.63 -1.97 9.69
CA ALA A 261 3.99 -1.08 10.67
C ALA A 261 2.65 -1.68 11.06
N TYR A 262 1.94 -1.08 12.01
CA TYR A 262 0.62 -1.57 12.42
C TYR A 262 -0.25 -0.44 12.96
N VAL A 263 -1.56 -0.64 12.86
CA VAL A 263 -2.62 0.27 13.35
C VAL A 263 -3.43 -0.47 14.42
N VAL A 264 -3.78 0.23 15.50
CA VAL A 264 -4.61 -0.31 16.62
C VAL A 264 -5.97 0.39 16.56
N ILE A 265 -7.03 -0.37 16.27
CA ILE A 265 -8.44 0.12 16.25
C ILE A 265 -9.25 -0.70 17.24
N PRO A 266 -9.51 -0.18 18.46
CA PRO A 266 -10.40 -0.86 19.41
C PRO A 266 -11.73 -1.22 18.73
N LYS A 267 -12.24 -2.43 18.97
CA LYS A 267 -13.56 -2.89 18.45
C LYS A 267 -14.68 -2.00 19.01
N SER A 268 -14.43 -1.31 20.13
CA SER A 268 -15.37 -0.38 20.82
C SER A 268 -15.39 1.01 20.16
N LEU A 269 -14.46 1.31 19.25
CA LEU A 269 -14.32 2.69 18.69
C LEU A 269 -15.41 2.94 17.64
N MET A 270 -16.14 4.05 17.79
CA MET A 270 -17.39 4.36 17.03
C MET A 270 -17.24 5.69 16.28
N GLY A 271 -17.69 5.71 15.03
CA GLY A 271 -18.07 6.94 14.31
C GLY A 271 -19.59 7.03 14.21
N ARG A 272 -20.09 7.94 13.39
CA ARG A 272 -21.54 8.14 13.16
C ARG A 272 -21.84 8.04 11.66
N LYS A 273 -23.08 7.68 11.32
CA LYS A 273 -23.65 7.79 9.95
C LYS A 273 -24.26 9.19 9.82
N LYS A 274 -24.77 9.55 8.65
CA LYS A 274 -25.40 10.88 8.42
C LYS A 274 -26.66 11.01 9.30
N ASN A 275 -27.35 9.91 9.63
CA ASN A 275 -28.58 9.93 10.47
C ASN A 275 -28.21 9.98 11.96
N GLY A 276 -26.91 9.95 12.30
CA GLY A 276 -26.41 10.16 13.68
C GLY A 276 -26.19 8.87 14.44
N GLU A 277 -26.66 7.73 13.91
CA GLU A 277 -26.48 6.39 14.54
C GLU A 277 -25.01 5.97 14.47
N ALA A 278 -24.58 5.14 15.42
CA ALA A 278 -23.16 4.74 15.62
C ALA A 278 -22.76 3.68 14.59
N GLN A 279 -21.48 3.63 14.23
CA GLN A 279 -20.87 2.63 13.31
C GLN A 279 -19.44 2.38 13.78
N ALA A 280 -19.11 1.12 14.12
CA ALA A 280 -17.76 0.72 14.56
C ALA A 280 -16.77 0.97 13.43
N LEU A 281 -15.58 1.49 13.73
CA LEU A 281 -14.52 1.77 12.73
C LEU A 281 -13.79 0.47 12.34
N HIS A 282 -13.70 -0.49 13.26
CA HIS A 282 -12.93 -1.75 13.10
C HIS A 282 -13.35 -2.48 11.81
N PRO A 283 -14.66 -2.75 11.56
CA PRO A 283 -15.09 -3.42 10.33
C PRO A 283 -14.79 -2.62 9.05
N LEU A 284 -14.98 -1.30 9.09
CA LEU A 284 -14.69 -0.40 7.94
C LEU A 284 -13.23 -0.59 7.53
N TRP A 285 -12.30 -0.53 8.49
CA TRP A 285 -10.85 -0.67 8.23
C TRP A 285 -10.54 -2.09 7.73
N SER A 286 -11.16 -3.12 8.32
CA SER A 286 -10.99 -4.54 7.91
C SER A 286 -11.32 -4.68 6.42
N ARG A 287 -12.48 -4.16 6.01
CA ARG A 287 -12.94 -4.20 4.59
C ARG A 287 -11.93 -3.44 3.72
N ARG A 288 -11.48 -2.26 4.17
CA ARG A 288 -10.50 -1.42 3.43
C ARG A 288 -9.21 -2.21 3.24
N HIS A 289 -8.69 -2.76 4.34
CA HIS A 289 -7.38 -3.47 4.43
C HIS A 289 -7.39 -4.72 3.53
N SER A 290 -8.51 -5.44 3.45
CA SER A 290 -8.61 -6.73 2.73
C SER A 290 -8.94 -6.53 1.24
N THR A 291 -9.39 -5.33 0.84
CA THR A 291 -9.82 -5.03 -0.56
C THR A 291 -8.75 -4.24 -1.31
N LYS A 292 -8.13 -3.22 -0.67
CA LYS A 292 -7.21 -2.24 -1.31
C LYS A 292 -5.73 -2.58 -1.03
N PHE A 293 -5.47 -3.59 -0.20
CA PHE A 293 -4.11 -4.02 0.23
C PHE A 293 -4.01 -5.56 0.11
N ASN A 294 -2.81 -6.06 -0.15
CA ASN A 294 -2.54 -7.49 -0.44
C ASN A 294 -1.79 -8.14 0.73
N GLY A 295 -1.62 -7.42 1.85
CA GLY A 295 -0.93 -7.89 3.06
C GLY A 295 0.58 -7.75 2.94
N ALA A 296 1.26 -7.43 4.04
CA ALA A 296 2.73 -7.42 4.17
C ALA A 296 3.26 -8.84 3.94
N SER A 297 4.44 -8.99 3.34
CA SER A 297 5.03 -10.31 3.01
C SER A 297 5.28 -11.10 4.30
N TYR A 298 5.31 -12.42 4.17
CA TYR A 298 5.75 -13.36 5.23
C TYR A 298 7.18 -13.02 5.68
N ILE A 299 8.04 -12.60 4.75
CA ILE A 299 9.49 -12.32 5.01
C ILE A 299 9.64 -11.14 5.98
N VAL A 300 8.95 -10.03 5.71
CA VAL A 300 9.04 -8.81 6.56
C VAL A 300 8.34 -9.07 7.90
N GLN A 301 7.24 -9.82 7.92
CA GLN A 301 6.49 -10.13 9.16
C GLN A 301 7.33 -11.03 10.06
N LYS A 302 8.04 -12.00 9.47
CA LYS A 302 9.02 -12.85 10.20
C LYS A 302 10.18 -11.99 10.71
N GLY A 303 10.64 -11.01 9.92
CA GLY A 303 11.66 -10.03 10.34
C GLY A 303 11.23 -9.30 11.60
N ALA A 304 10.02 -8.72 11.58
CA ALA A 304 9.45 -7.91 12.68
C ALA A 304 9.28 -8.78 13.93
N GLU A 305 8.85 -10.04 13.76
CA GLU A 305 8.66 -11.00 14.89
C GLU A 305 9.99 -11.11 15.62
N ALA A 306 11.10 -11.20 14.88
CA ALA A 306 12.47 -11.34 15.43
C ALA A 306 12.80 -10.17 16.37
N LEU A 307 12.18 -9.00 16.21
CA LEU A 307 12.46 -7.81 17.07
C LEU A 307 11.99 -8.05 18.51
N TYR A 308 11.08 -9.01 18.73
CA TYR A 308 10.50 -9.30 20.06
C TYR A 308 11.28 -10.40 20.79
N THR A 309 12.29 -11.00 20.15
CA THR A 309 13.22 -11.95 20.82
C THR A 309 14.15 -11.17 21.75
N ASP A 310 14.80 -11.86 22.68
CA ASP A 310 15.81 -11.28 23.60
C ASP A 310 16.89 -10.58 22.76
N GLU A 311 17.43 -11.29 21.77
CA GLU A 311 18.55 -10.81 20.92
C GLU A 311 18.05 -9.60 20.10
N GLY A 312 16.81 -9.65 19.62
CA GLY A 312 16.14 -8.56 18.89
C GLY A 312 16.02 -7.29 19.71
N LYS A 313 15.55 -7.41 20.96
CA LYS A 313 15.39 -6.28 21.91
C LYS A 313 16.77 -5.72 22.26
N SER A 314 17.74 -6.61 22.48
CA SER A 314 19.14 -6.25 22.82
C SER A 314 19.76 -5.44 21.66
N GLN A 315 19.55 -5.87 20.42
CA GLN A 315 20.11 -5.23 19.20
C GLN A 315 19.43 -3.86 18.98
N THR A 316 18.10 -3.81 19.17
CA THR A 316 17.27 -2.58 19.04
C THR A 316 17.73 -1.51 20.04
N LYS A 317 17.97 -1.91 21.30
CA LYS A 317 18.34 -1.01 22.41
C LYS A 317 19.70 -0.36 22.12
N ALA A 318 20.67 -1.12 21.60
CA ALA A 318 22.01 -0.61 21.27
C ALA A 318 21.91 0.44 20.16
N LEU A 319 21.09 0.20 19.13
CA LEU A 319 20.91 1.10 17.97
C LEU A 319 20.22 2.40 18.41
N ILE A 320 19.21 2.29 19.29
CA ILE A 320 18.49 3.46 19.89
C ILE A 320 19.49 4.30 20.70
N GLU A 321 20.39 3.67 21.45
CA GLU A 321 21.42 4.39 22.26
C GLU A 321 22.41 5.07 21.31
N HIS A 322 22.81 4.40 20.23
CA HIS A 322 23.70 4.92 19.16
C HIS A 322 23.08 6.19 18.56
N TYR A 323 21.80 6.14 18.16
CA TYR A 323 21.11 7.25 17.43
C TYR A 323 20.83 8.41 18.38
N MET A 324 20.47 8.13 19.64
CA MET A 324 20.21 9.18 20.65
C MET A 324 21.53 9.76 21.14
N GLY A 325 22.61 8.98 21.09
CA GLY A 325 23.98 9.50 21.27
C GLY A 325 24.32 10.52 20.18
N ASN A 326 24.02 10.18 18.92
CA ASN A 326 24.15 11.08 17.75
C ASN A 326 23.38 12.38 18.00
N ALA A 327 22.13 12.29 18.46
CA ALA A 327 21.25 13.45 18.73
C ALA A 327 21.85 14.34 19.81
N ALA A 328 22.41 13.75 20.88
CA ALA A 328 23.04 14.48 22.01
C ALA A 328 24.20 15.35 21.48
N LEU A 329 25.00 14.82 20.56
CA LEU A 329 26.15 15.55 19.96
C LEU A 329 25.63 16.71 19.10
N LEU A 330 24.56 16.51 18.34
CA LEU A 330 23.96 17.58 17.48
C LEU A 330 23.45 18.72 18.37
N VAL A 331 22.85 18.38 19.51
CA VAL A 331 22.32 19.38 20.48
C VAL A 331 23.49 20.22 21.00
N GLU A 332 24.57 19.57 21.43
CA GLU A 332 25.79 20.19 22.01
C GLU A 332 26.41 21.15 20.97
N ALA A 333 26.63 20.68 19.73
CA ALA A 333 27.26 21.45 18.63
C ALA A 333 26.42 22.67 18.28
N CYS A 334 25.10 22.51 18.18
CA CYS A 334 24.14 23.60 17.88
C CYS A 334 24.15 24.62 19.03
N LYS A 335 24.07 24.17 20.29
CA LYS A 335 24.09 25.06 21.48
C LYS A 335 25.38 25.88 21.49
N ASN A 336 26.52 25.21 21.34
CA ASN A 336 27.88 25.83 21.31
C ASN A 336 27.97 26.87 20.18
N ALA A 337 27.28 26.67 19.05
CA ALA A 337 27.33 27.57 17.87
C ALA A 337 26.32 28.72 18.00
N GLY A 338 25.57 28.77 19.10
CA GLY A 338 24.64 29.88 19.41
C GLY A 338 23.27 29.71 18.77
N LEU A 339 22.95 28.51 18.27
CA LEU A 339 21.63 28.22 17.66
C LEU A 339 20.66 27.77 18.76
N SER A 340 19.42 28.25 18.72
CA SER A 340 18.31 27.70 19.54
C SER A 340 17.99 26.28 19.06
N VAL A 341 18.03 25.31 19.97
CA VAL A 341 17.86 23.85 19.70
C VAL A 341 16.75 23.30 20.58
N PHE A 342 15.88 22.45 20.04
CA PHE A 342 14.78 21.77 20.76
C PHE A 342 14.81 20.28 20.42
N GLY A 343 14.42 19.43 21.37
CA GLY A 343 14.41 17.97 21.20
C GLY A 343 15.80 17.38 21.28
N GLY A 344 16.03 16.26 20.58
CA GLY A 344 17.27 15.48 20.66
C GLY A 344 17.36 14.63 21.93
N VAL A 345 16.26 14.51 22.69
CA VAL A 345 16.25 13.81 24.02
C VAL A 345 15.24 12.65 24.03
N ASN A 346 14.15 12.71 23.24
CA ASN A 346 13.09 11.66 23.21
C ASN A 346 12.81 11.22 21.77
N ALA A 347 13.54 11.74 20.78
CA ALA A 347 13.39 11.37 19.35
C ALA A 347 14.72 11.57 18.61
N PRO A 348 14.97 10.79 17.53
CA PRO A 348 16.28 10.75 16.87
C PRO A 348 16.46 11.84 15.80
N TYR A 349 16.16 13.07 16.19
CA TYR A 349 16.33 14.29 15.36
C TYR A 349 16.34 15.50 16.30
N VAL A 350 16.83 16.63 15.79
CA VAL A 350 16.91 17.92 16.53
C VAL A 350 16.22 18.99 15.69
N TRP A 351 15.53 19.91 16.37
CA TRP A 351 14.75 21.02 15.79
C TRP A 351 15.54 22.30 16.11
N VAL A 352 16.00 23.02 15.09
CA VAL A 352 17.03 24.10 15.24
C VAL A 352 16.49 25.39 14.62
N GLY A 353 16.62 26.50 15.33
CA GLY A 353 16.31 27.84 14.81
C GLY A 353 17.30 28.26 13.73
N CYS A 354 16.79 28.72 12.58
CA CYS A 354 17.61 29.29 11.48
C CYS A 354 18.41 30.46 12.02
N PRO A 355 19.67 30.67 11.58
CA PRO A 355 20.42 31.89 11.91
C PRO A 355 19.70 33.13 11.38
N ALA A 356 19.69 34.19 12.20
CA ALA A 356 19.00 35.49 11.97
C ALA A 356 18.94 35.82 10.48
N GLY A 357 17.71 35.93 9.96
CA GLY A 357 17.42 36.49 8.62
C GLY A 357 17.28 35.42 7.57
N LEU A 358 17.36 34.14 7.93
CA LEU A 358 17.26 33.04 6.94
C LEU A 358 15.92 32.32 7.11
N THR A 359 15.15 32.20 6.03
CA THR A 359 14.00 31.28 5.93
C THR A 359 14.53 29.85 6.05
N SER A 360 13.64 28.88 6.22
CA SER A 360 13.98 27.44 6.30
C SER A 360 14.66 27.00 5.00
N TRP A 361 14.09 27.37 3.85
CA TRP A 361 14.62 26.99 2.50
C TRP A 361 15.98 27.67 2.27
N GLN A 362 16.17 28.88 2.78
CA GLN A 362 17.47 29.61 2.68
C GLN A 362 18.53 28.89 3.52
N MET A 363 18.18 28.40 4.71
CA MET A 363 19.10 27.62 5.56
C MET A 363 19.40 26.27 4.88
N PHE A 364 18.40 25.63 4.27
CA PHE A 364 18.56 24.41 3.45
C PHE A 364 19.66 24.61 2.39
N ASP A 365 19.57 25.70 1.62
CA ASP A 365 20.50 26.03 0.50
C ASP A 365 21.90 26.33 1.06
N LYS A 366 21.98 27.06 2.19
CA LYS A 366 23.25 27.44 2.86
C LYS A 366 23.98 26.18 3.33
N MET A 367 23.26 25.25 3.96
CA MET A 367 23.86 23.98 4.49
C MET A 367 24.31 23.12 3.31
N LEU A 368 23.53 23.07 2.23
CA LEU A 368 23.87 22.27 1.03
C LEU A 368 25.13 22.83 0.36
N ASN A 369 25.18 24.15 0.17
CA ASN A 369 26.20 24.83 -0.68
C ASN A 369 27.48 25.12 0.13
N GLU A 370 27.36 25.52 1.40
CA GLU A 370 28.52 25.94 2.22
C GLU A 370 29.05 24.75 3.06
N ALA A 371 28.19 24.01 3.76
CA ALA A 371 28.58 22.91 4.66
C ALA A 371 28.51 21.54 3.95
N ASN A 372 27.86 21.44 2.79
CA ASN A 372 27.61 20.18 2.05
C ASN A 372 26.88 19.19 2.99
N VAL A 373 25.79 19.65 3.59
CA VAL A 373 24.94 18.86 4.52
C VAL A 373 23.47 19.05 4.12
N VAL A 374 22.77 17.94 3.86
CA VAL A 374 21.30 17.94 3.63
C VAL A 374 20.61 17.97 4.98
N ILE A 375 19.77 18.96 5.20
CA ILE A 375 18.83 19.04 6.37
C ILE A 375 17.42 19.23 5.81
N THR A 376 16.40 19.21 6.65
CA THR A 376 14.98 19.38 6.21
C THR A 376 14.49 20.77 6.61
N PRO A 377 14.05 21.60 5.64
CA PRO A 377 13.56 22.93 5.99
C PRO A 377 12.28 22.80 6.83
N GLY A 378 12.20 23.54 7.94
CA GLY A 378 11.10 23.48 8.92
C GLY A 378 9.75 23.77 8.27
N SER A 379 9.71 24.68 7.29
CA SER A 379 8.48 25.08 6.57
C SER A 379 7.84 23.88 5.87
N GLY A 380 8.63 22.84 5.57
CA GLY A 380 8.15 21.58 4.97
C GLY A 380 7.15 20.86 5.87
N PHE A 381 7.16 21.14 7.17
CA PHE A 381 6.27 20.51 8.17
C PHE A 381 5.12 21.46 8.55
N GLY A 382 4.91 22.54 7.80
CA GLY A 382 3.82 23.50 8.01
C GLY A 382 4.32 24.88 8.38
N SER A 383 3.41 25.85 8.50
CA SER A 383 3.69 27.30 8.64
C SER A 383 4.43 27.59 9.94
N ALA A 384 4.07 26.91 11.03
CA ALA A 384 4.71 27.07 12.37
C ALA A 384 6.16 26.57 12.32
N GLY A 385 6.54 25.87 11.25
CA GLY A 385 7.89 25.31 11.04
C GLY A 385 8.85 26.31 10.42
N GLU A 386 8.35 27.37 9.76
CA GLU A 386 9.17 28.45 9.16
C GLU A 386 10.11 29.02 10.24
N GLY A 387 11.37 29.27 9.88
CA GLY A 387 12.40 29.81 10.79
C GLY A 387 13.15 28.71 11.54
N TYR A 388 12.89 27.45 11.22
CA TYR A 388 13.57 26.27 11.82
C TYR A 388 13.98 25.29 10.72
N PHE A 389 14.79 24.30 11.11
CA PHE A 389 15.12 23.11 10.29
C PHE A 389 15.34 21.90 11.20
N ARG A 390 15.20 20.72 10.62
CA ARG A 390 15.40 19.42 11.29
C ARG A 390 16.67 18.76 10.76
N ILE A 391 17.46 18.20 11.67
CA ILE A 391 18.67 17.37 11.39
C ILE A 391 18.36 15.98 11.94
N SER A 392 18.44 14.97 11.08
CA SER A 392 18.27 13.54 11.43
C SER A 392 19.50 13.08 12.22
N ALA A 393 19.30 12.28 13.27
CA ALA A 393 20.38 11.60 14.03
C ALA A 393 20.62 10.21 13.44
N PHE A 394 19.87 9.84 12.39
CA PHE A 394 20.05 8.57 11.63
C PHE A 394 21.21 8.72 10.65
N ASN A 395 22.42 8.45 11.13
CA ASN A 395 23.66 8.41 10.31
C ASN A 395 24.73 7.72 11.15
N SER A 396 25.92 7.49 10.60
CA SER A 396 27.09 6.96 11.33
C SER A 396 27.51 7.97 12.40
N ARG A 397 28.15 7.49 13.47
CA ARG A 397 28.76 8.32 14.53
C ARG A 397 29.77 9.27 13.90
N ALA A 398 30.60 8.79 12.97
CA ALA A 398 31.66 9.57 12.31
C ALA A 398 31.03 10.72 11.50
N ASN A 399 29.94 10.45 10.78
CA ASN A 399 29.24 11.46 9.95
C ASN A 399 28.62 12.55 10.84
N VAL A 400 28.08 12.18 12.00
CA VAL A 400 27.37 13.16 12.90
C VAL A 400 28.43 14.05 13.54
N GLU A 401 29.56 13.47 13.94
CA GLU A 401 30.72 14.22 14.49
C GLU A 401 31.21 15.20 13.43
N GLU A 402 31.26 14.79 12.16
CA GLU A 402 31.65 15.66 11.02
C GLU A 402 30.63 16.79 10.89
N VAL A 403 29.33 16.48 10.90
CA VAL A 403 28.24 17.49 10.76
C VAL A 403 28.37 18.52 11.88
N CYS A 404 28.64 18.06 13.11
CA CYS A 404 28.81 18.90 14.32
C CYS A 404 29.95 19.89 14.11
N ARG A 405 31.08 19.43 13.56
CA ARG A 405 32.24 20.31 13.21
C ARG A 405 31.82 21.34 12.16
N ARG A 406 31.04 20.92 11.15
CA ARG A 406 30.62 21.79 10.02
C ARG A 406 29.64 22.86 10.51
N ILE A 407 28.76 22.53 11.47
CA ILE A 407 27.81 23.50 12.07
C ILE A 407 28.60 24.55 12.88
N ALA A 408 29.58 24.10 13.68
CA ALA A 408 30.49 24.96 14.46
C ALA A 408 31.26 25.91 13.55
N ALA A 409 31.62 25.47 12.34
CA ALA A 409 32.49 26.21 11.39
C ALA A 409 31.66 27.10 10.46
N LEU A 410 30.33 26.93 10.46
CA LEU A 410 29.38 27.73 9.66
C LEU A 410 29.56 29.22 10.02
N LYS A 411 29.82 30.07 9.00
CA LYS A 411 30.03 31.53 9.14
C LYS A 411 28.87 32.27 8.45
N MET B 1 -19.78 13.45 16.93
CA MET B 1 -19.07 12.19 16.48
C MET B 1 -18.60 12.37 15.04
N ALA B 2 -17.56 11.63 14.64
CA ALA B 2 -16.88 11.75 13.32
C ALA B 2 -17.62 10.94 12.26
N LEU B 3 -17.97 11.57 11.13
CA LEU B 3 -18.77 10.94 10.06
C LEU B 3 -17.92 9.87 9.37
N ILE B 4 -18.46 8.66 9.24
CA ILE B 4 -17.79 7.51 8.54
C ILE B 4 -18.04 7.67 7.03
N ASN B 5 -17.28 6.95 6.21
CA ASN B 5 -17.50 6.87 4.75
C ASN B 5 -18.66 5.90 4.49
N GLU B 6 -19.87 6.42 4.28
CA GLU B 6 -21.11 5.63 4.15
C GLU B 6 -21.13 4.84 2.85
N ASN B 7 -20.20 5.10 1.92
CA ASN B 7 -20.05 4.28 0.68
C ASN B 7 -19.69 2.85 1.06
N PHE B 8 -19.04 2.63 2.19
CA PHE B 8 -18.66 1.27 2.69
C PHE B 8 -19.93 0.47 3.03
N LEU B 9 -21.00 1.12 3.46
CA LEU B 9 -22.28 0.46 3.87
C LEU B 9 -23.06 0.00 2.64
N LYS B 10 -22.79 0.57 1.46
CA LYS B 10 -23.39 0.15 0.16
C LYS B 10 -22.93 -1.28 -0.20
N LEU B 11 -21.77 -1.73 0.31
CA LEU B 11 -21.22 -3.07 0.02
C LEU B 11 -22.14 -4.13 0.63
N LYS B 12 -22.68 -5.01 -0.24
CA LYS B 12 -23.65 -6.08 0.11
C LYS B 12 -23.04 -7.03 1.16
N ALA B 13 -21.76 -7.39 0.99
CA ALA B 13 -21.06 -8.39 1.83
C ALA B 13 -19.58 -7.99 2.00
N GLY B 14 -18.81 -8.81 2.73
CA GLY B 14 -17.34 -8.67 2.84
C GLY B 14 -16.66 -8.99 1.52
N TYR B 15 -15.38 -8.64 1.38
CA TYR B 15 -14.56 -8.95 0.18
C TYR B 15 -14.57 -10.48 -0.02
N LEU B 16 -14.70 -10.92 -1.28
CA LEU B 16 -15.01 -12.33 -1.66
C LEU B 16 -14.09 -13.31 -0.93
N PHE B 17 -12.78 -13.12 -1.02
CA PHE B 17 -11.75 -14.13 -0.65
C PHE B 17 -11.72 -14.34 0.86
N PRO B 18 -11.71 -13.29 1.71
CA PRO B 18 -11.92 -13.44 3.15
C PRO B 18 -13.26 -14.10 3.52
N GLU B 19 -14.31 -13.85 2.73
CA GLU B 19 -15.66 -14.46 2.93
C GLU B 19 -15.57 -15.98 2.71
N ILE B 20 -14.73 -16.43 1.77
CA ILE B 20 -14.49 -17.87 1.47
C ILE B 20 -13.66 -18.48 2.61
N ALA B 21 -12.56 -17.83 2.99
CA ALA B 21 -11.65 -18.24 4.09
C ALA B 21 -12.46 -18.47 5.38
N ARG B 22 -13.47 -17.64 5.61
CA ARG B 22 -14.40 -17.72 6.78
C ARG B 22 -15.19 -19.04 6.69
N ARG B 23 -15.85 -19.29 5.56
CA ARG B 23 -16.74 -20.46 5.34
C ARG B 23 -15.92 -21.76 5.37
N VAL B 24 -14.68 -21.73 4.89
CA VAL B 24 -13.75 -22.90 4.90
C VAL B 24 -13.39 -23.21 6.37
N LYS B 25 -12.97 -22.19 7.12
CA LYS B 25 -12.57 -22.30 8.56
C LYS B 25 -13.74 -22.92 9.34
N ALA B 26 -14.95 -22.39 9.16
CA ALA B 26 -16.20 -22.90 9.79
C ALA B 26 -16.33 -24.40 9.52
N PHE B 27 -16.14 -24.82 8.25
CA PHE B 27 -16.22 -26.23 7.83
C PHE B 27 -15.11 -27.04 8.51
N THR B 28 -13.86 -26.55 8.44
CA THR B 28 -12.63 -27.16 9.02
C THR B 28 -12.81 -27.41 10.53
N GLU B 29 -13.42 -26.46 11.25
CA GLU B 29 -13.71 -26.57 12.71
C GLU B 29 -14.66 -27.75 12.94
N GLY B 30 -15.82 -27.72 12.26
CA GLY B 30 -16.90 -28.70 12.41
C GLY B 30 -16.54 -30.07 11.87
N ASN B 31 -15.54 -30.17 10.99
CA ASN B 31 -15.19 -31.42 10.25
C ASN B 31 -13.67 -31.61 10.24
N PRO B 32 -13.07 -32.07 11.36
CA PRO B 32 -11.62 -32.26 11.45
C PRO B 32 -11.06 -33.32 10.50
N GLU B 33 -11.82 -34.40 10.27
CA GLU B 33 -11.46 -35.52 9.36
C GLU B 33 -11.39 -35.03 7.91
N ALA B 34 -12.37 -34.23 7.48
CA ALA B 34 -12.45 -33.65 6.12
C ALA B 34 -11.30 -32.67 5.88
N ALA B 35 -10.96 -31.86 6.89
CA ALA B 35 -9.93 -30.81 6.85
C ALA B 35 -8.57 -31.38 6.40
N GLN B 36 -8.26 -32.62 6.80
CA GLN B 36 -7.01 -33.34 6.44
C GLN B 36 -7.00 -33.66 4.94
N ARG B 37 -8.18 -33.81 4.33
CA ARG B 37 -8.36 -34.23 2.91
C ARG B 37 -8.53 -33.01 2.01
N LEU B 38 -8.68 -31.82 2.58
CA LEU B 38 -9.04 -30.57 1.86
C LEU B 38 -7.95 -30.21 0.85
N ILE B 39 -8.36 -29.84 -0.37
CA ILE B 39 -7.44 -29.27 -1.39
C ILE B 39 -7.96 -27.87 -1.75
N ARG B 40 -7.05 -26.90 -1.81
CA ARG B 40 -7.37 -25.45 -1.96
C ARG B 40 -7.13 -25.04 -3.43
N CYS B 41 -8.21 -24.90 -4.20
CA CYS B 41 -8.19 -24.42 -5.61
C CYS B 41 -9.05 -23.15 -5.73
N GLY B 42 -9.23 -22.43 -4.62
CA GLY B 42 -9.85 -21.08 -4.60
C GLY B 42 -8.86 -20.04 -5.09
N ILE B 43 -8.15 -19.39 -4.17
CA ILE B 43 -6.91 -18.60 -4.45
C ILE B 43 -5.83 -19.55 -5.00
N GLY B 44 -5.70 -20.73 -4.40
CA GLY B 44 -4.67 -21.74 -4.74
C GLY B 44 -3.69 -21.95 -3.59
N ASP B 45 -2.73 -22.85 -3.79
CA ASP B 45 -1.86 -23.40 -2.71
C ASP B 45 -0.51 -23.80 -3.33
N VAL B 46 0.35 -22.80 -3.60
CA VAL B 46 1.65 -22.98 -4.31
C VAL B 46 2.67 -23.55 -3.32
N THR B 47 3.59 -24.39 -3.82
CA THR B 47 4.72 -25.00 -3.05
C THR B 47 5.94 -24.08 -3.15
N GLU B 48 6.43 -23.81 -4.37
CA GLU B 48 7.62 -22.96 -4.64
C GLU B 48 7.13 -21.55 -5.00
N ALA B 49 6.92 -20.71 -3.98
CA ALA B 49 6.50 -19.30 -4.11
C ALA B 49 7.68 -18.42 -4.53
N LEU B 50 8.90 -18.99 -4.60
CA LEU B 50 10.13 -18.28 -5.06
C LEU B 50 11.03 -19.23 -5.86
N PRO B 51 11.33 -18.93 -7.15
CA PRO B 51 12.39 -19.61 -7.89
C PRO B 51 13.79 -19.38 -7.32
N GLU B 52 14.73 -20.27 -7.66
CA GLU B 52 16.13 -20.29 -7.14
C GLU B 52 16.76 -18.90 -7.34
N ALA B 53 16.72 -18.37 -8.57
CA ALA B 53 17.32 -17.08 -8.98
C ALA B 53 16.82 -15.95 -8.07
N VAL B 54 15.53 -15.96 -7.75
CA VAL B 54 14.86 -14.93 -6.90
C VAL B 54 15.32 -15.08 -5.44
N ARG B 55 15.42 -16.32 -4.94
CA ARG B 55 15.86 -16.60 -3.54
C ARG B 55 17.30 -16.13 -3.35
N TYR B 56 18.19 -16.50 -4.27
CA TYR B 56 19.61 -16.08 -4.26
C TYR B 56 19.68 -14.56 -4.14
N ALA B 57 18.92 -13.85 -4.98
CA ALA B 57 18.92 -12.37 -5.06
C ALA B 57 18.38 -11.76 -3.76
N MET B 58 17.35 -12.38 -3.17
CA MET B 58 16.72 -11.88 -1.92
C MET B 58 17.70 -12.06 -0.74
N HIS B 59 18.39 -13.20 -0.64
CA HIS B 59 19.44 -13.46 0.38
C HIS B 59 20.55 -12.40 0.27
N GLU B 60 21.03 -12.14 -0.95
CA GLU B 60 22.09 -11.12 -1.21
C GLU B 60 21.58 -9.76 -0.73
N ALA B 61 20.34 -9.40 -1.06
CA ALA B 61 19.73 -8.09 -0.72
C ALA B 61 19.59 -7.95 0.81
N VAL B 62 19.18 -9.01 1.51
CA VAL B 62 19.05 -9.01 3.00
C VAL B 62 20.41 -8.65 3.62
N ASP B 63 21.48 -9.30 3.16
CA ASP B 63 22.86 -9.07 3.66
C ASP B 63 23.31 -7.64 3.30
N GLU B 64 22.94 -7.16 2.11
CA GLU B 64 23.27 -5.81 1.60
C GLU B 64 22.68 -4.73 2.53
N LEU B 65 21.42 -4.87 2.96
CA LEU B 65 20.74 -3.92 3.88
C LEU B 65 21.44 -3.90 5.25
N GLY B 66 22.02 -5.03 5.67
CA GLY B 66 22.80 -5.14 6.92
C GLY B 66 24.11 -4.37 6.87
N ASN B 67 24.71 -4.24 5.68
CA ASN B 67 26.03 -3.58 5.45
C ASN B 67 25.83 -2.10 5.08
N ARG B 68 24.96 -1.83 4.10
CA ARG B 68 24.57 -0.49 3.57
C ARG B 68 25.51 0.58 4.12
N PRO B 76 13.54 6.23 -3.70
CA PRO B 76 12.69 6.55 -4.85
C PRO B 76 11.41 5.70 -4.87
N GLU B 77 10.27 6.28 -4.48
CA GLU B 77 8.96 5.57 -4.35
C GLU B 77 8.56 4.95 -5.69
N GLN B 78 8.84 5.63 -6.81
CA GLN B 78 8.53 5.17 -8.18
C GLN B 78 9.17 3.79 -8.43
N GLY B 79 10.27 3.48 -7.74
CA GLY B 79 11.01 2.19 -7.80
C GLY B 79 12.46 2.43 -8.16
N TYR B 80 13.34 1.47 -7.85
CA TYR B 80 14.78 1.59 -8.16
C TYR B 80 14.99 1.60 -9.68
N ASP B 81 16.03 2.31 -10.13
CA ASP B 81 16.46 2.40 -11.54
C ASP B 81 16.64 1.00 -12.13
N PHE B 82 17.33 0.11 -11.40
CA PHE B 82 17.74 -1.22 -11.92
C PHE B 82 16.51 -2.04 -12.32
N LEU B 83 15.38 -1.87 -11.63
CA LEU B 83 14.15 -2.66 -11.89
C LEU B 83 13.31 -1.96 -12.96
N ARG B 84 13.16 -0.64 -12.88
CA ARG B 84 12.41 0.15 -13.88
C ARG B 84 13.08 -0.02 -15.25
N ASN B 85 14.42 -0.02 -15.31
CA ASN B 85 15.21 -0.23 -16.55
C ASN B 85 15.02 -1.67 -17.04
N ALA B 86 15.12 -2.67 -16.16
CA ALA B 86 14.97 -4.10 -16.51
C ALA B 86 13.59 -4.33 -17.13
N ILE B 87 12.55 -3.70 -16.58
CA ILE B 87 11.14 -3.82 -17.06
C ILE B 87 11.04 -3.15 -18.43
N ALA B 88 11.43 -1.87 -18.53
CA ALA B 88 11.42 -1.08 -19.79
C ALA B 88 12.16 -1.87 -20.89
N ASP B 89 13.35 -2.39 -20.59
CA ASP B 89 14.23 -3.04 -21.59
C ASP B 89 13.61 -4.37 -22.05
N ASN B 90 13.16 -5.22 -21.13
CA ASN B 90 12.80 -6.63 -21.42
C ASN B 90 11.33 -6.77 -21.85
N ASP B 91 10.40 -6.09 -21.17
CA ASP B 91 8.94 -6.27 -21.39
C ASP B 91 8.42 -5.30 -22.45
N TYR B 92 9.17 -4.26 -22.79
CA TYR B 92 8.72 -3.22 -23.75
C TYR B 92 9.71 -3.07 -24.91
N LYS B 93 10.91 -2.52 -24.67
CA LYS B 93 11.87 -2.14 -25.74
C LYS B 93 12.24 -3.36 -26.60
N ALA B 94 12.48 -4.52 -25.98
CA ALA B 94 12.89 -5.78 -26.65
C ALA B 94 11.74 -6.38 -27.46
N ARG B 95 10.52 -5.82 -27.33
CA ARG B 95 9.30 -6.22 -28.09
C ARG B 95 8.86 -5.07 -29.02
N GLY B 96 9.66 -4.01 -29.12
CA GLY B 96 9.38 -2.85 -30.01
C GLY B 96 8.24 -2.00 -29.50
N LEU B 97 8.00 -1.95 -28.20
CA LEU B 97 6.89 -1.17 -27.60
C LEU B 97 7.46 0.16 -27.11
N PRO B 98 6.74 1.29 -27.33
CA PRO B 98 7.24 2.61 -26.96
C PRO B 98 6.92 2.98 -25.51
N ILE B 99 7.65 2.36 -24.56
CA ILE B 99 7.53 2.65 -23.10
C ILE B 99 8.94 2.94 -22.57
N GLU B 100 9.07 3.99 -21.75
CA GLU B 100 10.32 4.43 -21.08
C GLU B 100 10.26 4.03 -19.60
N ALA B 101 11.43 3.88 -18.97
CA ALA B 101 11.62 3.54 -17.54
C ALA B 101 10.87 4.52 -16.62
N ASP B 102 10.79 5.80 -16.98
CA ASP B 102 10.19 6.83 -16.10
C ASP B 102 8.66 6.81 -16.23
N GLU B 103 8.10 5.91 -17.05
CA GLU B 103 6.63 5.70 -17.17
C GLU B 103 6.22 4.46 -16.38
N ILE B 104 7.19 3.77 -15.76
CA ILE B 104 7.00 2.55 -14.90
C ILE B 104 6.93 2.99 -13.42
N PHE B 105 5.86 2.60 -12.71
CA PHE B 105 5.69 2.80 -11.25
C PHE B 105 5.62 1.45 -10.55
N ILE B 106 6.66 1.12 -9.79
CA ILE B 106 6.80 -0.15 -9.01
C ILE B 106 5.93 -0.05 -7.74
N SER B 107 5.14 -1.09 -7.46
CA SER B 107 4.23 -1.19 -6.29
C SER B 107 4.42 -2.53 -5.55
N ASP B 108 3.56 -2.78 -4.56
CA ASP B 108 3.53 -4.00 -3.72
C ASP B 108 2.65 -5.10 -4.35
N GLY B 109 1.77 -4.74 -5.28
CA GLY B 109 0.90 -5.69 -6.00
C GLY B 109 -0.13 -4.99 -6.86
N SER B 110 -0.66 -5.70 -7.87
CA SER B 110 -1.67 -5.19 -8.85
C SER B 110 -3.02 -4.94 -8.15
N LYS B 111 -3.37 -5.75 -7.15
CA LYS B 111 -4.59 -5.56 -6.31
C LYS B 111 -4.61 -4.14 -5.76
N CYS B 112 -3.46 -3.68 -5.24
CA CYS B 112 -3.25 -2.32 -4.68
C CYS B 112 -3.36 -1.26 -5.78
N ASP B 113 -2.67 -1.47 -6.91
CA ASP B 113 -2.61 -0.49 -8.03
C ASP B 113 -4.01 -0.30 -8.64
N THR B 114 -4.68 -1.39 -9.01
CA THR B 114 -6.04 -1.38 -9.66
C THR B 114 -7.07 -0.80 -8.69
N GLY B 115 -6.92 -1.06 -7.39
CA GLY B 115 -7.76 -0.50 -6.32
C GLY B 115 -7.55 1.00 -6.15
N ASN B 116 -6.30 1.45 -6.16
CA ASN B 116 -5.91 2.83 -5.74
C ASN B 116 -5.87 3.80 -6.94
N ILE B 117 -6.02 3.31 -8.19
CA ILE B 117 -5.91 4.16 -9.42
C ILE B 117 -7.00 5.23 -9.39
N LEU B 118 -8.17 4.94 -8.80
CA LEU B 118 -9.34 5.86 -8.73
C LEU B 118 -9.01 7.13 -7.91
N ASP B 119 -7.95 7.13 -7.10
CA ASP B 119 -7.54 8.30 -6.27
C ASP B 119 -7.22 9.53 -7.14
N ILE B 120 -6.78 9.34 -8.39
CA ILE B 120 -6.35 10.44 -9.30
C ILE B 120 -7.49 10.84 -10.26
N PHE B 121 -8.66 10.21 -10.16
CA PHE B 121 -9.88 10.53 -10.95
C PHE B 121 -10.92 11.15 -10.01
N GLY B 122 -11.77 12.03 -10.55
CA GLY B 122 -12.84 12.73 -9.82
C GLY B 122 -14.12 11.92 -9.77
N GLN B 123 -15.22 12.56 -9.36
CA GLN B 123 -16.56 11.92 -9.26
C GLN B 123 -17.39 12.30 -10.50
N GLY B 124 -18.31 11.42 -10.91
CA GLY B 124 -19.26 11.68 -12.01
C GLY B 124 -18.81 11.07 -13.34
N ASN B 125 -17.62 10.45 -13.38
CA ASN B 125 -17.12 9.70 -14.56
C ASN B 125 -18.05 8.50 -14.79
N THR B 126 -18.27 8.12 -16.05
CA THR B 126 -18.96 6.88 -16.45
C THR B 126 -17.93 5.75 -16.46
N ILE B 127 -18.12 4.76 -15.57
CA ILE B 127 -17.20 3.59 -15.38
C ILE B 127 -17.80 2.37 -16.08
N ALA B 128 -17.05 1.77 -17.01
CA ALA B 128 -17.38 0.47 -17.65
C ALA B 128 -16.45 -0.61 -17.10
N ILE B 129 -17.03 -1.74 -16.68
CA ILE B 129 -16.30 -2.90 -16.10
C ILE B 129 -16.80 -4.16 -16.79
N THR B 130 -15.89 -4.96 -17.33
CA THR B 130 -16.18 -6.31 -17.91
C THR B 130 -16.81 -7.17 -16.81
N ASP B 131 -17.81 -7.97 -17.14
CA ASP B 131 -18.59 -8.82 -16.21
C ASP B 131 -18.68 -10.22 -16.81
N PRO B 132 -18.21 -11.29 -16.13
CA PRO B 132 -17.62 -11.22 -14.79
C PRO B 132 -16.13 -10.87 -14.78
N VAL B 133 -15.61 -10.37 -13.66
CA VAL B 133 -14.16 -10.01 -13.49
C VAL B 133 -13.81 -9.94 -12.01
N TYR B 134 -12.51 -10.07 -11.70
CA TYR B 134 -11.85 -9.76 -10.41
C TYR B 134 -12.60 -8.65 -9.67
N PRO B 135 -13.19 -8.92 -8.48
CA PRO B 135 -14.15 -8.00 -7.86
C PRO B 135 -13.60 -6.72 -7.23
N VAL B 136 -12.27 -6.56 -7.19
CA VAL B 136 -11.58 -5.35 -6.65
C VAL B 136 -12.08 -4.09 -7.37
N TYR B 137 -12.24 -4.13 -8.70
CA TYR B 137 -12.58 -2.93 -9.52
C TYR B 137 -13.94 -2.38 -9.04
N VAL B 138 -14.94 -3.26 -8.96
CA VAL B 138 -16.32 -2.91 -8.52
C VAL B 138 -16.26 -2.36 -7.09
N ASP B 139 -15.69 -3.13 -6.17
CA ASP B 139 -15.75 -2.84 -4.70
C ASP B 139 -15.10 -1.47 -4.42
N THR B 140 -13.92 -1.19 -5.00
CA THR B 140 -13.18 0.09 -4.78
C THR B 140 -13.96 1.25 -5.41
N ASN B 141 -14.67 1.01 -6.52
CA ASN B 141 -15.57 2.01 -7.15
C ASN B 141 -16.75 2.31 -6.20
N VAL B 142 -17.23 1.32 -5.45
CA VAL B 142 -18.33 1.51 -4.46
C VAL B 142 -17.80 2.36 -3.30
N MET B 143 -16.60 2.04 -2.79
CA MET B 143 -15.95 2.65 -1.60
C MET B 143 -15.69 4.16 -1.81
N ILE B 144 -15.22 4.56 -2.99
CA ILE B 144 -14.83 5.97 -3.30
C ILE B 144 -16.08 6.79 -3.66
N GLY B 145 -17.23 6.15 -3.85
CA GLY B 145 -18.53 6.81 -4.11
C GLY B 145 -18.82 7.01 -5.60
N ASN B 146 -18.40 6.08 -6.47
CA ASN B 146 -18.58 6.16 -7.95
C ASN B 146 -19.83 5.38 -8.38
N THR B 147 -20.65 4.89 -7.45
CA THR B 147 -21.82 4.01 -7.74
C THR B 147 -23.04 4.42 -6.92
N GLY B 148 -24.17 3.77 -7.18
CA GLY B 148 -25.35 3.69 -6.29
C GLY B 148 -25.40 2.36 -5.56
N GLU B 149 -26.59 1.95 -5.11
CA GLU B 149 -26.81 0.72 -4.30
C GLU B 149 -26.74 -0.51 -5.23
N ALA B 150 -26.60 -1.70 -4.62
CA ALA B 150 -26.62 -3.01 -5.31
C ALA B 150 -28.07 -3.48 -5.47
N ASP B 151 -28.33 -4.33 -6.47
CA ASP B 151 -29.66 -4.94 -6.75
C ASP B 151 -29.63 -6.39 -6.27
N GLU B 152 -30.67 -7.18 -6.62
CA GLU B 152 -30.84 -8.61 -6.21
C GLU B 152 -29.53 -9.40 -6.47
N ASN B 153 -28.87 -9.14 -7.61
CA ASN B 153 -27.78 -9.98 -8.16
C ASN B 153 -26.40 -9.36 -7.85
N GLY B 154 -26.37 -8.28 -7.06
CA GLY B 154 -25.12 -7.67 -6.56
C GLY B 154 -24.44 -6.78 -7.60
N ALA B 155 -25.22 -6.24 -8.54
CA ALA B 155 -24.79 -5.22 -9.53
C ALA B 155 -25.17 -3.83 -9.03
N TYR B 156 -24.20 -2.92 -8.94
CA TYR B 156 -24.33 -1.56 -8.37
C TYR B 156 -24.76 -0.59 -9.47
N ALA B 157 -25.79 0.23 -9.20
CA ALA B 157 -26.31 1.26 -10.13
C ALA B 157 -25.18 2.23 -10.50
N GLY B 158 -25.19 2.72 -11.74
CA GLY B 158 -24.22 3.71 -12.26
C GLY B 158 -23.13 3.05 -13.10
N LEU B 159 -22.57 1.93 -12.63
CA LEU B 159 -21.54 1.15 -13.35
C LEU B 159 -22.17 0.60 -14.65
N VAL B 160 -21.44 0.70 -15.77
CA VAL B 160 -21.79 0.08 -17.07
C VAL B 160 -21.08 -1.28 -17.13
N TYR B 161 -21.84 -2.37 -16.97
CA TYR B 161 -21.33 -3.77 -16.96
C TYR B 161 -21.31 -4.30 -18.40
N LEU B 162 -20.11 -4.63 -18.91
CA LEU B 162 -19.92 -5.22 -20.26
C LEU B 162 -20.02 -6.74 -20.14
N LYS B 163 -21.14 -7.31 -20.60
CA LYS B 163 -21.49 -8.75 -20.37
C LYS B 163 -20.63 -9.64 -21.26
N CYS B 164 -19.95 -10.59 -20.64
CA CYS B 164 -19.11 -11.63 -21.27
C CYS B 164 -19.73 -12.99 -20.98
N THR B 165 -20.18 -13.69 -22.03
CA THR B 165 -20.96 -14.96 -21.98
C THR B 165 -20.32 -15.99 -22.91
N PRO B 166 -20.65 -17.30 -22.75
CA PRO B 166 -20.26 -18.31 -23.74
C PRO B 166 -20.77 -17.91 -25.13
N GLU B 167 -22.01 -17.39 -25.19
CA GLU B 167 -22.70 -16.92 -26.42
C GLU B 167 -21.78 -16.00 -27.23
N ASN B 168 -21.16 -15.00 -26.59
CA ASN B 168 -20.32 -13.97 -27.27
C ASN B 168 -18.83 -14.32 -27.12
N GLY B 169 -18.51 -15.56 -26.73
CA GLY B 169 -17.12 -16.04 -26.57
C GLY B 169 -16.36 -15.31 -25.47
N PHE B 170 -17.10 -14.73 -24.50
CA PHE B 170 -16.57 -13.91 -23.39
C PHE B 170 -15.82 -12.68 -23.92
N VAL B 171 -16.15 -12.22 -25.13
CA VAL B 171 -15.65 -10.92 -25.68
C VAL B 171 -16.80 -9.91 -25.58
N PRO B 172 -16.63 -8.84 -24.77
CA PRO B 172 -17.69 -7.86 -24.59
C PRO B 172 -17.89 -7.01 -25.85
N ASP B 173 -19.16 -6.79 -26.22
CA ASP B 173 -19.57 -5.81 -27.25
C ASP B 173 -19.12 -4.42 -26.79
N ILE B 174 -18.39 -3.69 -27.64
CA ILE B 174 -18.07 -2.25 -27.43
C ILE B 174 -19.40 -1.51 -27.30
N PRO B 175 -19.66 -0.82 -26.16
CA PRO B 175 -20.98 -0.28 -25.88
C PRO B 175 -21.30 0.95 -26.74
N GLN B 176 -22.58 1.27 -26.89
CA GLN B 176 -23.06 2.54 -27.52
C GLN B 176 -22.89 3.67 -26.51
N GLU B 177 -23.13 3.40 -25.22
CA GLU B 177 -22.83 4.34 -24.10
C GLU B 177 -21.37 4.77 -24.19
N LYS B 178 -21.09 6.03 -23.88
CA LYS B 178 -19.73 6.61 -23.89
C LYS B 178 -19.17 6.56 -22.46
N ALA B 179 -18.25 5.62 -22.20
CA ALA B 179 -17.60 5.42 -20.88
C ALA B 179 -16.29 6.21 -20.83
N ASP B 180 -16.00 6.81 -19.67
CA ASP B 180 -14.79 7.64 -19.42
C ASP B 180 -13.64 6.73 -18.98
N LEU B 181 -13.91 5.75 -18.10
CA LEU B 181 -12.94 4.73 -17.63
C LEU B 181 -13.47 3.35 -18.02
N ILE B 182 -12.61 2.50 -18.60
CA ILE B 182 -12.95 1.13 -19.05
C ILE B 182 -11.95 0.14 -18.44
N TYR B 183 -12.42 -0.75 -17.56
CA TYR B 183 -11.60 -1.85 -16.98
C TYR B 183 -11.68 -3.07 -17.91
N LEU B 184 -10.55 -3.44 -18.50
CA LEU B 184 -10.34 -4.70 -19.25
C LEU B 184 -9.31 -5.54 -18.50
N CYS B 185 -9.62 -6.81 -18.24
CA CYS B 185 -8.70 -7.82 -17.67
C CYS B 185 -8.42 -8.88 -18.74
N TYR B 186 -7.18 -8.97 -19.21
CA TYR B 186 -6.75 -9.91 -20.29
C TYR B 186 -5.33 -10.41 -20.01
N PRO B 187 -5.13 -11.74 -19.87
CA PRO B 187 -6.22 -12.72 -19.80
C PRO B 187 -7.22 -12.41 -18.68
N ASN B 188 -8.52 -12.61 -18.94
CA ASN B 188 -9.61 -12.32 -17.98
C ASN B 188 -9.51 -13.31 -16.82
N ASN B 189 -9.58 -12.78 -15.59
CA ASN B 189 -9.88 -13.54 -14.37
C ASN B 189 -11.35 -13.25 -14.04
N PRO B 190 -12.27 -14.23 -14.04
CA PRO B 190 -11.95 -15.67 -14.02
C PRO B 190 -12.16 -16.53 -15.29
N THR B 191 -12.60 -15.94 -16.41
CA THR B 191 -13.10 -16.69 -17.60
C THR B 191 -11.95 -17.31 -18.40
N GLY B 192 -10.75 -16.73 -18.32
CA GLY B 192 -9.58 -17.17 -19.12
C GLY B 192 -9.59 -16.58 -20.52
N ALA B 193 -10.60 -15.77 -20.85
CA ALA B 193 -10.76 -15.16 -22.18
C ALA B 193 -9.56 -14.27 -22.50
N VAL B 194 -9.22 -14.17 -23.79
CA VAL B 194 -8.18 -13.26 -24.32
C VAL B 194 -8.82 -12.39 -25.41
N ALA B 195 -8.35 -11.14 -25.52
CA ALA B 195 -8.74 -10.19 -26.59
C ALA B 195 -7.82 -10.44 -27.80
N THR B 196 -8.38 -10.46 -29.01
CA THR B 196 -7.61 -10.51 -30.28
C THR B 196 -7.06 -9.12 -30.56
N ARG B 197 -6.11 -9.02 -31.49
CA ARG B 197 -5.46 -7.74 -31.92
C ARG B 197 -6.54 -6.80 -32.45
N PRO B 198 -7.44 -7.24 -33.38
CA PRO B 198 -8.51 -6.39 -33.88
C PRO B 198 -9.49 -5.94 -32.78
N GLN B 199 -9.73 -6.78 -31.76
CA GLN B 199 -10.61 -6.43 -30.61
C GLN B 199 -9.97 -5.30 -29.80
N LEU B 200 -8.67 -5.37 -29.56
CA LEU B 200 -7.92 -4.30 -28.85
C LEU B 200 -7.85 -3.05 -29.74
N GLU B 201 -7.64 -3.22 -31.03
CA GLU B 201 -7.64 -2.10 -32.02
C GLU B 201 -8.95 -1.33 -31.91
N ALA B 202 -10.08 -2.03 -31.82
CA ALA B 202 -11.43 -1.42 -31.73
C ALA B 202 -11.57 -0.68 -30.38
N TRP B 203 -11.12 -1.29 -29.29
CA TRP B 203 -11.16 -0.69 -27.92
C TRP B 203 -10.32 0.59 -27.90
N VAL B 204 -9.13 0.57 -28.49
CA VAL B 204 -8.24 1.77 -28.56
C VAL B 204 -8.92 2.83 -29.44
N LYS B 205 -9.61 2.43 -30.52
CA LYS B 205 -10.35 3.38 -31.39
C LYS B 205 -11.46 4.05 -30.57
N TYR B 206 -12.29 3.26 -29.87
CA TYR B 206 -13.40 3.73 -29.01
C TYR B 206 -12.86 4.71 -27.96
N ALA B 207 -11.81 4.31 -27.24
CA ALA B 207 -11.20 5.09 -26.13
C ALA B 207 -10.69 6.43 -26.66
N ARG B 208 -9.96 6.43 -27.78
CA ARG B 208 -9.32 7.65 -28.33
C ARG B 208 -10.39 8.64 -28.78
N GLU B 209 -11.45 8.17 -29.46
CA GLU B 209 -12.46 9.07 -30.06
C GLU B 209 -13.41 9.60 -28.97
N ASN B 210 -13.50 8.92 -27.82
CA ASN B 210 -14.33 9.36 -26.66
C ASN B 210 -13.45 10.04 -25.60
N GLY B 211 -12.13 10.17 -25.86
CA GLY B 211 -11.14 10.71 -24.90
C GLY B 211 -11.11 9.92 -23.60
N SER B 212 -11.42 8.63 -23.64
CA SER B 212 -11.57 7.74 -22.46
C SER B 212 -10.20 7.17 -22.06
N VAL B 213 -10.13 6.51 -20.91
CA VAL B 213 -8.91 5.79 -20.40
C VAL B 213 -9.23 4.30 -20.28
N LEU B 214 -8.47 3.47 -21.01
CA LEU B 214 -8.42 1.99 -20.87
C LEU B 214 -7.55 1.65 -19.66
N LEU B 215 -8.13 1.03 -18.64
CA LEU B 215 -7.38 0.44 -17.50
C LEU B 215 -7.19 -1.05 -17.79
N TYR B 216 -6.03 -1.40 -18.37
CA TYR B 216 -5.72 -2.74 -18.96
C TYR B 216 -4.93 -3.56 -17.94
N ASP B 217 -5.59 -4.54 -17.32
CA ASP B 217 -5.02 -5.47 -16.32
C ASP B 217 -4.48 -6.72 -17.04
N ALA B 218 -3.14 -6.81 -17.17
CA ALA B 218 -2.43 -7.86 -17.92
C ALA B 218 -1.65 -8.76 -16.95
N ALA B 219 -2.15 -8.92 -15.72
CA ALA B 219 -1.49 -9.68 -14.62
C ALA B 219 -1.13 -11.11 -15.05
N TYR B 220 -1.94 -11.74 -15.91
CA TYR B 220 -1.78 -13.17 -16.32
C TYR B 220 -1.20 -13.27 -17.74
N GLU B 221 -0.70 -12.15 -18.26
CA GLU B 221 0.00 -11.98 -19.57
C GLU B 221 0.88 -13.19 -19.88
N ALA B 222 1.73 -13.59 -18.92
CA ALA B 222 2.82 -14.59 -19.11
C ALA B 222 2.27 -15.99 -19.45
N PHE B 223 1.00 -16.26 -19.13
CA PHE B 223 0.37 -17.61 -19.29
C PHE B 223 -0.25 -17.77 -20.69
N ILE B 224 -0.28 -16.72 -21.50
CA ILE B 224 -0.84 -16.77 -22.89
C ILE B 224 -0.02 -17.79 -23.71
N GLN B 225 -0.68 -18.70 -24.41
CA GLN B 225 -0.06 -19.80 -25.20
C GLN B 225 -0.32 -19.59 -26.70
N ASP B 226 -1.47 -19.01 -27.05
CA ASP B 226 -1.85 -18.69 -28.45
C ASP B 226 -0.92 -17.61 -28.98
N PRO B 227 -0.13 -17.87 -30.05
CA PRO B 227 0.85 -16.90 -30.54
C PRO B 227 0.27 -15.68 -31.28
N THR B 228 -1.03 -15.67 -31.56
CA THR B 228 -1.76 -14.58 -32.26
C THR B 228 -2.25 -13.52 -31.27
N ILE B 229 -2.17 -13.77 -29.96
CA ILE B 229 -2.83 -12.94 -28.92
C ILE B 229 -1.85 -11.88 -28.43
N PRO B 230 -2.27 -10.59 -28.36
CA PRO B 230 -1.45 -9.53 -27.77
C PRO B 230 -1.21 -9.75 -26.27
N HIS B 231 -0.03 -9.41 -25.79
CA HIS B 231 0.36 -9.46 -24.36
C HIS B 231 0.16 -8.09 -23.71
N SER B 232 0.48 -7.01 -24.43
CA SER B 232 0.43 -5.61 -23.92
C SER B 232 -0.48 -4.77 -24.82
N ILE B 233 -1.29 -3.91 -24.20
CA ILE B 233 -2.16 -2.93 -24.91
C ILE B 233 -1.29 -1.99 -25.75
N PHE B 234 -0.01 -1.81 -25.38
CA PHE B 234 0.94 -0.87 -26.07
C PHE B 234 1.56 -1.54 -27.30
N GLU B 235 1.11 -2.75 -27.64
CA GLU B 235 1.28 -3.35 -29.00
C GLU B 235 0.36 -2.62 -29.99
N ILE B 236 -0.67 -1.91 -29.51
CA ILE B 236 -1.71 -1.24 -30.34
C ILE B 236 -1.34 0.24 -30.53
N GLU B 237 -1.18 0.66 -31.80
CA GLU B 237 -0.92 2.06 -32.20
C GLU B 237 -1.97 2.97 -31.56
N GLY B 238 -1.52 3.98 -30.80
CA GLY B 238 -2.40 4.99 -30.18
C GLY B 238 -2.74 4.67 -28.73
N ALA B 239 -2.35 3.50 -28.24
CA ALA B 239 -2.55 3.10 -26.82
C ALA B 239 -1.96 4.17 -25.89
N ARG B 240 -0.85 4.79 -26.30
CA ARG B 240 -0.14 5.84 -25.51
C ARG B 240 -1.10 7.00 -25.19
N ASP B 241 -2.16 7.19 -25.98
CA ASP B 241 -3.11 8.32 -25.83
C ASP B 241 -4.33 7.94 -24.98
N CYS B 242 -4.49 6.68 -24.56
CA CYS B 242 -5.74 6.24 -23.88
C CYS B 242 -5.59 5.02 -22.95
N ALA B 243 -4.38 4.59 -22.59
CA ALA B 243 -4.18 3.30 -21.88
C ALA B 243 -3.25 3.46 -20.67
N ILE B 244 -3.65 2.86 -19.54
CA ILE B 244 -2.77 2.51 -18.39
C ILE B 244 -2.71 0.98 -18.31
N GLU B 245 -1.53 0.41 -18.13
CA GLU B 245 -1.33 -1.06 -18.09
C GLU B 245 -0.87 -1.48 -16.70
N PHE B 246 -1.52 -2.50 -16.15
CA PHE B 246 -1.17 -3.15 -14.85
C PHE B 246 -0.50 -4.48 -15.15
N ARG B 247 0.69 -4.69 -14.59
CA ARG B 247 1.49 -5.94 -14.71
C ARG B 247 1.84 -6.40 -13.30
N SER B 248 2.02 -7.72 -13.13
CA SER B 248 2.33 -8.34 -11.82
C SER B 248 3.46 -9.35 -11.98
N PHE B 249 4.42 -9.32 -11.05
CA PHE B 249 5.45 -10.37 -10.86
C PHE B 249 4.87 -11.53 -10.05
N SER B 250 3.90 -11.26 -9.16
CA SER B 250 3.40 -12.23 -8.13
C SER B 250 2.39 -13.20 -8.76
N LYS B 251 1.38 -12.68 -9.46
CA LYS B 251 0.34 -13.49 -10.15
C LYS B 251 0.95 -14.10 -11.43
N ASN B 252 2.15 -13.63 -11.84
CA ASN B 252 3.04 -14.29 -12.83
C ASN B 252 3.71 -15.51 -12.16
N GLY B 253 3.96 -16.57 -12.93
CA GLY B 253 4.69 -17.79 -12.52
C GLY B 253 4.32 -18.30 -11.13
N GLY B 254 3.17 -17.87 -10.59
CA GLY B 254 2.64 -18.32 -9.28
C GLY B 254 3.55 -17.99 -8.10
N PHE B 255 4.62 -17.20 -8.30
CA PHE B 255 5.53 -16.76 -7.20
C PHE B 255 4.85 -15.66 -6.39
N THR B 256 3.82 -16.02 -5.62
CA THR B 256 3.02 -15.11 -4.76
C THR B 256 3.93 -14.49 -3.69
N GLY B 257 5.10 -15.09 -3.46
CA GLY B 257 6.18 -14.57 -2.60
C GLY B 257 6.79 -13.28 -3.13
N VAL B 258 6.87 -13.11 -4.45
CA VAL B 258 7.39 -11.86 -5.10
C VAL B 258 6.27 -10.82 -5.06
N ARG B 259 6.01 -10.24 -3.89
CA ARG B 259 4.99 -9.18 -3.65
C ARG B 259 5.46 -7.88 -4.32
N CYS B 260 5.39 -7.84 -5.65
CA CYS B 260 5.84 -6.71 -6.48
C CYS B 260 5.01 -6.69 -7.76
N ALA B 261 4.66 -5.49 -8.24
CA ALA B 261 3.88 -5.25 -9.46
C ALA B 261 4.27 -3.88 -10.00
N TYR B 262 3.72 -3.48 -11.14
CA TYR B 262 4.03 -2.16 -11.73
C TYR B 262 2.86 -1.67 -12.59
N VAL B 263 2.78 -0.35 -12.70
CA VAL B 263 1.78 0.39 -13.51
C VAL B 263 2.54 1.18 -14.58
N VAL B 264 2.01 1.17 -15.81
CA VAL B 264 2.57 1.93 -16.96
C VAL B 264 1.62 3.08 -17.28
N ILE B 265 2.07 4.32 -17.08
CA ILE B 265 1.32 5.56 -17.39
C ILE B 265 2.14 6.37 -18.38
N PRO B 266 1.83 6.32 -19.69
CA PRO B 266 2.47 7.20 -20.68
C PRO B 266 2.41 8.67 -20.22
N LYS B 267 3.51 9.40 -20.36
CA LYS B 267 3.59 10.85 -20.03
C LYS B 267 2.60 11.64 -20.90
N SER B 268 2.20 11.09 -22.05
CA SER B 268 1.24 11.67 -23.02
C SER B 268 -0.22 11.46 -22.59
N LEU B 269 -0.50 10.63 -21.58
CA LEU B 269 -1.91 10.27 -21.23
C LEU B 269 -2.57 11.42 -20.46
N MET B 270 -3.76 11.85 -20.90
CA MET B 270 -4.43 13.10 -20.45
C MET B 270 -5.82 12.78 -19.89
N GLY B 271 -6.18 13.40 -18.76
CA GLY B 271 -7.58 13.60 -18.34
C GLY B 271 -7.97 15.05 -18.52
N ARG B 272 -9.15 15.45 -18.02
CA ARG B 272 -9.60 16.86 -18.04
C ARG B 272 -9.87 17.34 -16.61
N LYS B 273 -9.74 18.65 -16.40
CA LYS B 273 -10.17 19.35 -15.16
C LYS B 273 -11.63 19.75 -15.35
N LYS B 274 -12.27 20.27 -14.31
CA LYS B 274 -13.69 20.74 -14.35
C LYS B 274 -13.85 21.84 -15.40
N ASN B 275 -12.81 22.66 -15.63
CA ASN B 275 -12.85 23.80 -16.58
C ASN B 275 -12.62 23.31 -18.02
N GLY B 276 -12.38 22.01 -18.23
CA GLY B 276 -12.31 21.38 -19.55
C GLY B 276 -10.90 21.26 -20.08
N GLU B 277 -9.93 21.95 -19.48
CA GLU B 277 -8.48 21.90 -19.86
C GLU B 277 -7.91 20.51 -19.55
N ALA B 278 -6.89 20.11 -20.30
CA ALA B 278 -6.20 18.80 -20.19
C ALA B 278 -5.27 18.80 -18.97
N GLN B 279 -5.05 17.62 -18.39
CA GLN B 279 -4.14 17.39 -17.23
C GLN B 279 -3.53 16.00 -17.38
N ALA B 280 -2.20 15.90 -17.46
CA ALA B 280 -1.46 14.63 -17.58
C ALA B 280 -1.73 13.78 -16.32
N LEU B 281 -1.94 12.47 -16.48
CA LEU B 281 -2.20 11.53 -15.36
C LEU B 281 -0.88 11.18 -14.66
N HIS B 282 0.24 11.17 -15.40
CA HIS B 282 1.58 10.75 -14.89
C HIS B 282 1.94 11.51 -13.61
N PRO B 283 1.90 12.87 -13.58
CA PRO B 283 2.21 13.62 -12.35
C PRO B 283 1.25 13.34 -11.19
N LEU B 284 -0.05 13.24 -11.47
CA LEU B 284 -1.09 12.92 -10.45
C LEU B 284 -0.70 11.62 -9.73
N TRP B 285 -0.39 10.56 -10.50
CA TRP B 285 0.00 9.25 -9.94
C TRP B 285 1.32 9.35 -9.18
N SER B 286 2.30 10.07 -9.71
CA SER B 286 3.62 10.30 -9.07
C SER B 286 3.41 10.90 -7.66
N ARG B 287 2.61 11.95 -7.56
CA ARG B 287 2.28 12.64 -6.28
C ARG B 287 1.58 11.63 -5.35
N ARG B 288 0.63 10.85 -5.87
CA ARG B 288 -0.13 9.84 -5.09
C ARG B 288 0.85 8.80 -4.54
N HIS B 289 1.69 8.27 -5.43
CA HIS B 289 2.66 7.17 -5.16
C HIS B 289 3.68 7.60 -4.09
N SER B 290 4.13 8.86 -4.13
CA SER B 290 5.23 9.36 -3.25
C SER B 290 4.68 9.85 -1.91
N THR B 291 3.37 10.08 -1.79
CA THR B 291 2.72 10.63 -0.56
C THR B 291 2.03 9.53 0.26
N LYS B 292 1.30 8.61 -0.39
CA LYS B 292 0.42 7.60 0.25
C LYS B 292 1.09 6.22 0.30
N PHE B 293 2.26 6.06 -0.30
CA PHE B 293 3.02 4.79 -0.40
C PHE B 293 4.49 5.07 -0.03
N ASN B 294 5.18 4.06 0.52
CA ASN B 294 6.56 4.19 1.06
C ASN B 294 7.57 3.47 0.15
N GLY B 295 7.11 2.97 -1.00
CA GLY B 295 7.93 2.22 -1.98
C GLY B 295 8.09 0.76 -1.59
N ALA B 296 8.12 -0.14 -2.58
CA ALA B 296 8.46 -1.58 -2.41
C ALA B 296 9.89 -1.68 -1.90
N SER B 297 10.17 -2.68 -1.07
CA SER B 297 11.49 -2.88 -0.43
C SER B 297 12.54 -3.15 -1.51
N TYR B 298 13.80 -2.84 -1.20
CA TYR B 298 14.99 -3.21 -1.99
C TYR B 298 15.04 -4.74 -2.20
N ILE B 299 14.63 -5.53 -1.19
CA ILE B 299 14.71 -7.02 -1.20
C ILE B 299 13.80 -7.57 -2.31
N VAL B 300 12.54 -7.14 -2.35
CA VAL B 300 11.55 -7.65 -3.34
C VAL B 300 11.92 -7.13 -4.73
N GLN B 301 12.42 -5.90 -4.84
CA GLN B 301 12.79 -5.29 -6.14
C GLN B 301 14.01 -6.03 -6.71
N LYS B 302 14.97 -6.39 -5.86
CA LYS B 302 16.13 -7.24 -6.25
C LYS B 302 15.64 -8.64 -6.65
N GLY B 303 14.64 -9.18 -5.94
CA GLY B 303 13.99 -10.45 -6.29
C GLY B 303 13.44 -10.41 -7.71
N ALA B 304 12.64 -9.40 -8.01
CA ALA B 304 11.94 -9.21 -9.31
C ALA B 304 12.99 -9.02 -10.41
N GLU B 305 14.08 -8.28 -10.15
CA GLU B 305 15.18 -8.07 -11.13
C GLU B 305 15.70 -9.43 -11.58
N ALA B 306 15.86 -10.36 -10.63
CA ALA B 306 16.37 -11.73 -10.88
C ALA B 306 15.49 -12.45 -11.90
N LEU B 307 14.21 -12.10 -12.05
CA LEU B 307 13.29 -12.79 -12.99
C LEU B 307 13.69 -12.51 -14.45
N TYR B 308 14.46 -11.46 -14.70
CA TYR B 308 14.90 -11.04 -16.06
C TYR B 308 16.24 -11.67 -16.42
N THR B 309 16.90 -12.38 -15.50
CA THR B 309 18.13 -13.15 -15.82
C THR B 309 17.76 -14.37 -16.66
N ASP B 310 18.75 -14.99 -17.31
CA ASP B 310 18.56 -16.23 -18.11
C ASP B 310 17.94 -17.31 -17.20
N GLU B 311 18.52 -17.51 -16.01
CA GLU B 311 18.11 -18.55 -15.04
C GLU B 311 16.70 -18.23 -14.55
N GLY B 312 16.40 -16.93 -14.33
CA GLY B 312 15.08 -16.44 -13.90
C GLY B 312 13.99 -16.75 -14.93
N LYS B 313 14.26 -16.46 -16.21
CA LYS B 313 13.34 -16.71 -17.34
C LYS B 313 13.14 -18.22 -17.50
N SER B 314 14.22 -18.99 -17.37
CA SER B 314 14.22 -20.46 -17.50
C SER B 314 13.33 -21.07 -16.39
N GLN B 315 13.47 -20.59 -15.15
CA GLN B 315 12.73 -21.09 -13.96
C GLN B 315 11.26 -20.70 -14.09
N THR B 316 10.97 -19.48 -14.53
CA THR B 316 9.60 -18.94 -14.75
C THR B 316 8.86 -19.78 -15.80
N LYS B 317 9.53 -20.09 -16.92
CA LYS B 317 8.95 -20.83 -18.07
C LYS B 317 8.54 -22.24 -17.64
N ALA B 318 9.36 -22.91 -16.83
CA ALA B 318 9.09 -24.28 -16.32
C ALA B 318 7.84 -24.25 -15.44
N LEU B 319 7.71 -23.24 -14.56
CA LEU B 319 6.57 -23.10 -13.62
C LEU B 319 5.28 -22.82 -14.40
N ILE B 320 5.35 -21.96 -15.42
CA ILE B 320 4.21 -21.62 -16.32
C ILE B 320 3.75 -22.90 -17.05
N GLU B 321 4.68 -23.74 -17.51
CA GLU B 321 4.36 -25.02 -18.19
C GLU B 321 3.71 -25.98 -17.20
N HIS B 322 4.24 -26.03 -15.96
CA HIS B 322 3.70 -26.84 -14.84
C HIS B 322 2.25 -26.44 -14.57
N TYR B 323 1.96 -25.14 -14.42
CA TYR B 323 0.64 -24.62 -14.02
C TYR B 323 -0.37 -24.75 -15.17
N MET B 324 0.07 -24.54 -16.42
CA MET B 324 -0.81 -24.67 -17.61
C MET B 324 -1.01 -26.16 -17.92
N GLY B 325 -0.06 -27.02 -17.54
CA GLY B 325 -0.24 -28.48 -17.53
C GLY B 325 -1.35 -28.88 -16.57
N ASN B 326 -1.34 -28.32 -15.35
CA ASN B 326 -2.39 -28.47 -14.33
C ASN B 326 -3.75 -28.07 -14.93
N ALA B 327 -3.82 -26.91 -15.58
CA ALA B 327 -5.06 -26.36 -16.18
C ALA B 327 -5.60 -27.32 -17.24
N ALA B 328 -4.72 -27.87 -18.09
CA ALA B 328 -5.09 -28.80 -19.18
C ALA B 328 -5.78 -30.03 -18.59
N LEU B 329 -5.28 -30.55 -17.46
CA LEU B 329 -5.87 -31.74 -16.78
C LEU B 329 -7.25 -31.38 -16.22
N LEU B 330 -7.42 -30.18 -15.65
CA LEU B 330 -8.73 -29.73 -15.09
C LEU B 330 -9.76 -29.65 -16.21
N VAL B 331 -9.35 -29.15 -17.38
CA VAL B 331 -10.23 -29.00 -18.58
C VAL B 331 -10.70 -30.41 -18.99
N GLU B 332 -9.76 -31.36 -19.10
CA GLU B 332 -10.01 -32.76 -19.54
C GLU B 332 -10.99 -33.43 -18.56
N ALA B 333 -10.74 -33.35 -17.25
CA ALA B 333 -11.56 -33.97 -16.18
C ALA B 333 -12.98 -33.39 -16.19
N CYS B 334 -13.09 -32.07 -16.31
CA CYS B 334 -14.41 -31.36 -16.37
C CYS B 334 -15.16 -31.78 -17.64
N LYS B 335 -14.50 -31.79 -18.80
CA LYS B 335 -15.13 -32.18 -20.09
C LYS B 335 -15.64 -33.62 -19.99
N ASN B 336 -14.79 -34.54 -19.52
CA ASN B 336 -15.12 -35.98 -19.33
C ASN B 336 -16.33 -36.14 -18.38
N ALA B 337 -16.49 -35.25 -17.39
CA ALA B 337 -17.58 -35.34 -16.37
C ALA B 337 -18.86 -34.65 -16.86
N GLY B 338 -18.84 -34.10 -18.08
CA GLY B 338 -20.03 -33.52 -18.74
C GLY B 338 -20.27 -32.07 -18.33
N LEU B 339 -19.30 -31.42 -17.69
CA LEU B 339 -19.40 -29.98 -17.30
C LEU B 339 -18.94 -29.11 -18.47
N SER B 340 -19.66 -28.02 -18.74
CA SER B 340 -19.21 -26.97 -19.70
C SER B 340 -18.00 -26.24 -19.09
N VAL B 341 -16.88 -26.21 -19.81
CA VAL B 341 -15.57 -25.66 -19.35
C VAL B 341 -15.10 -24.60 -20.34
N PHE B 342 -14.58 -23.48 -19.84
CA PHE B 342 -13.99 -22.38 -20.66
C PHE B 342 -12.62 -22.02 -20.08
N GLY B 343 -11.71 -21.58 -20.95
CA GLY B 343 -10.33 -21.21 -20.56
C GLY B 343 -9.46 -22.43 -20.29
N GLY B 344 -8.47 -22.27 -19.40
CA GLY B 344 -7.44 -23.28 -19.12
C GLY B 344 -6.39 -23.38 -20.20
N VAL B 345 -6.34 -22.42 -21.14
CA VAL B 345 -5.42 -22.45 -22.32
C VAL B 345 -4.51 -21.21 -22.35
N ASN B 346 -4.95 -20.06 -21.82
CA ASN B 346 -4.15 -18.80 -21.81
C ASN B 346 -4.05 -18.20 -20.40
N ALA B 347 -4.58 -18.89 -19.38
CA ALA B 347 -4.54 -18.44 -17.97
C ALA B 347 -4.61 -19.65 -17.03
N PRO B 348 -4.00 -19.54 -15.82
CA PRO B 348 -3.83 -20.69 -14.92
C PRO B 348 -5.05 -20.96 -14.02
N TYR B 349 -6.22 -21.01 -14.64
CA TYR B 349 -7.51 -21.34 -13.99
C TYR B 349 -8.49 -21.76 -15.08
N VAL B 350 -9.59 -22.42 -14.67
CA VAL B 350 -10.67 -22.89 -15.57
C VAL B 350 -11.99 -22.34 -15.05
N TRP B 351 -12.89 -22.01 -15.97
CA TRP B 351 -14.23 -21.44 -15.73
C TRP B 351 -15.23 -22.55 -16.08
N VAL B 352 -16.02 -23.00 -15.10
CA VAL B 352 -16.83 -24.25 -15.23
C VAL B 352 -18.30 -23.93 -14.92
N GLY B 353 -19.21 -24.41 -15.76
CA GLY B 353 -20.66 -24.31 -15.53
C GLY B 353 -21.08 -25.19 -14.36
N CYS B 354 -21.84 -24.64 -13.43
CA CYS B 354 -22.45 -25.39 -12.30
C CYS B 354 -23.35 -26.49 -12.87
N PRO B 355 -23.42 -27.68 -12.23
CA PRO B 355 -24.41 -28.68 -12.61
C PRO B 355 -25.83 -28.13 -12.43
N ALA B 356 -26.71 -28.40 -13.39
CA ALA B 356 -28.12 -27.95 -13.46
C ALA B 356 -28.73 -27.87 -12.07
N GLY B 357 -29.19 -26.68 -11.67
CA GLY B 357 -30.01 -26.45 -10.48
C GLY B 357 -29.20 -25.99 -9.29
N LEU B 358 -27.89 -25.82 -9.46
CA LEU B 358 -27.00 -25.33 -8.38
C LEU B 358 -26.54 -23.91 -8.72
N THR B 359 -26.78 -22.97 -7.81
CA THR B 359 -26.15 -21.62 -7.83
C THR B 359 -24.64 -21.81 -7.64
N SER B 360 -23.86 -20.75 -7.82
CA SER B 360 -22.39 -20.76 -7.62
C SER B 360 -22.06 -21.11 -6.17
N TRP B 361 -22.76 -20.48 -5.20
CA TRP B 361 -22.54 -20.71 -3.75
C TRP B 361 -22.95 -22.13 -3.36
N GLN B 362 -23.98 -22.68 -4.01
CA GLN B 362 -24.44 -24.07 -3.76
C GLN B 362 -23.39 -25.05 -4.28
N MET B 363 -22.77 -24.76 -5.43
CA MET B 363 -21.67 -25.61 -5.98
C MET B 363 -20.45 -25.49 -5.06
N PHE B 364 -20.14 -24.29 -4.56
CA PHE B 364 -19.09 -24.05 -3.55
C PHE B 364 -19.27 -25.00 -2.35
N ASP B 365 -20.48 -25.04 -1.78
CA ASP B 365 -20.81 -25.86 -0.58
C ASP B 365 -20.72 -27.36 -0.92
N LYS B 366 -21.19 -27.77 -2.10
CA LYS B 366 -21.17 -29.17 -2.58
C LYS B 366 -19.71 -29.63 -2.71
N MET B 367 -18.85 -28.82 -3.32
CA MET B 367 -17.42 -29.18 -3.53
C MET B 367 -16.71 -29.23 -2.18
N LEU B 368 -17.02 -28.31 -1.26
CA LEU B 368 -16.41 -28.27 0.10
C LEU B 368 -16.82 -29.52 0.88
N ASN B 369 -18.12 -29.84 0.89
CA ASN B 369 -18.71 -30.86 1.80
C ASN B 369 -18.58 -32.27 1.21
N GLU B 370 -18.75 -32.44 -0.11
CA GLU B 370 -18.76 -33.78 -0.77
C GLU B 370 -17.35 -34.12 -1.30
N ALA B 371 -16.68 -33.21 -2.02
CA ALA B 371 -15.36 -33.46 -2.65
C ALA B 371 -14.20 -32.99 -1.76
N ASN B 372 -14.47 -32.17 -0.74
CA ASN B 372 -13.45 -31.52 0.13
C ASN B 372 -12.47 -30.73 -0.76
N VAL B 373 -13.01 -29.87 -1.62
CA VAL B 373 -12.24 -29.03 -2.58
C VAL B 373 -12.80 -27.60 -2.51
N VAL B 374 -11.93 -26.65 -2.22
CA VAL B 374 -12.28 -25.19 -2.25
C VAL B 374 -12.17 -24.73 -3.69
N ILE B 375 -13.27 -24.19 -4.21
CA ILE B 375 -13.32 -23.50 -5.54
C ILE B 375 -13.89 -22.09 -5.26
N THR B 376 -13.92 -21.22 -6.27
CA THR B 376 -14.44 -19.84 -6.14
C THR B 376 -15.80 -19.74 -6.83
N PRO B 377 -16.87 -19.38 -6.10
CA PRO B 377 -18.19 -19.26 -6.72
C PRO B 377 -18.16 -18.14 -7.76
N GLY B 378 -18.69 -18.40 -8.96
CA GLY B 378 -18.65 -17.47 -10.11
C GLY B 378 -19.31 -16.14 -9.77
N SER B 379 -20.38 -16.16 -8.97
CA SER B 379 -21.16 -14.96 -8.55
C SER B 379 -20.25 -13.96 -7.83
N GLY B 380 -19.15 -14.43 -7.23
CA GLY B 380 -18.14 -13.58 -6.55
C GLY B 380 -17.49 -12.60 -7.50
N PHE B 381 -17.51 -12.87 -8.81
CA PHE B 381 -16.89 -12.01 -9.86
C PHE B 381 -17.96 -11.19 -10.59
N GLY B 382 -19.18 -11.11 -10.04
CA GLY B 382 -20.28 -10.30 -10.60
C GLY B 382 -21.44 -11.17 -11.07
N SER B 383 -22.53 -10.52 -11.52
CA SER B 383 -23.85 -11.15 -11.82
C SER B 383 -23.71 -12.14 -12.98
N ALA B 384 -22.93 -11.80 -14.00
CA ALA B 384 -22.70 -12.65 -15.20
C ALA B 384 -21.93 -13.92 -14.80
N GLY B 385 -21.40 -13.96 -13.57
CA GLY B 385 -20.63 -15.10 -13.03
C GLY B 385 -21.53 -16.17 -12.42
N GLU B 386 -22.77 -15.83 -12.04
CA GLU B 386 -23.76 -16.78 -11.46
C GLU B 386 -23.92 -17.96 -12.43
N GLY B 387 -23.99 -19.18 -11.90
CA GLY B 387 -24.12 -20.43 -12.69
C GLY B 387 -22.77 -21.00 -13.10
N TYR B 388 -21.66 -20.42 -12.63
CA TYR B 388 -20.29 -20.90 -12.90
C TYR B 388 -19.47 -20.91 -11.61
N PHE B 389 -18.28 -21.51 -11.68
CA PHE B 389 -17.23 -21.43 -10.63
C PHE B 389 -15.85 -21.51 -11.29
N ARG B 390 -14.84 -21.02 -10.57
CA ARG B 390 -13.43 -21.00 -10.99
C ARG B 390 -12.63 -21.99 -10.14
N ILE B 391 -11.75 -22.76 -10.80
CA ILE B 391 -10.77 -23.68 -10.18
C ILE B 391 -9.39 -23.14 -10.54
N SER B 392 -8.56 -22.85 -9.55
CA SER B 392 -7.15 -22.41 -9.71
C SER B 392 -6.32 -23.61 -10.16
N ALA B 393 -5.37 -23.40 -11.09
CA ALA B 393 -4.37 -24.40 -11.51
C ALA B 393 -3.09 -24.23 -10.68
N PHE B 394 -3.09 -23.28 -9.74
CA PHE B 394 -1.97 -23.03 -8.78
C PHE B 394 -2.07 -24.02 -7.63
N ASN B 395 -1.49 -25.20 -7.83
CA ASN B 395 -1.35 -26.25 -6.78
C ASN B 395 -0.30 -27.23 -7.30
N SER B 396 0.05 -28.24 -6.50
CA SER B 396 0.94 -29.36 -6.91
C SER B 396 0.25 -30.15 -8.03
N ARG B 397 1.05 -30.81 -8.87
CA ARG B 397 0.56 -31.74 -9.92
C ARG B 397 -0.26 -32.85 -9.25
N ALA B 398 0.20 -33.38 -8.12
CA ALA B 398 -0.47 -34.49 -7.39
C ALA B 398 -1.86 -34.03 -6.90
N ASN B 399 -1.95 -32.81 -6.37
CA ASN B 399 -3.23 -32.25 -5.84
C ASN B 399 -4.23 -32.03 -7.00
N VAL B 400 -3.77 -31.60 -8.17
CA VAL B 400 -4.67 -31.29 -9.32
C VAL B 400 -5.19 -32.61 -9.89
N GLU B 401 -4.32 -33.62 -9.98
CA GLU B 401 -4.70 -34.99 -10.40
C GLU B 401 -5.74 -35.54 -9.43
N GLU B 402 -5.58 -35.30 -8.12
CA GLU B 402 -6.55 -35.70 -7.07
C GLU B 402 -7.88 -34.96 -7.30
N VAL B 403 -7.84 -33.64 -7.52
CA VAL B 403 -9.06 -32.81 -7.76
C VAL B 403 -9.80 -33.35 -8.99
N CYS B 404 -9.07 -33.69 -10.04
CA CYS B 404 -9.61 -34.24 -11.32
C CYS B 404 -10.37 -35.53 -11.05
N ARG B 405 -9.81 -36.42 -10.23
CA ARG B 405 -10.47 -37.69 -9.81
C ARG B 405 -11.76 -37.37 -9.03
N ARG B 406 -11.71 -36.37 -8.13
CA ARG B 406 -12.84 -36.00 -7.26
C ARG B 406 -13.98 -35.39 -8.09
N ILE B 407 -13.65 -34.62 -9.14
CA ILE B 407 -14.66 -34.01 -10.04
C ILE B 407 -15.35 -35.13 -10.84
N ALA B 408 -14.56 -36.08 -11.37
CA ALA B 408 -15.03 -37.28 -12.09
C ALA B 408 -15.97 -38.11 -11.22
N ALA B 409 -15.72 -38.16 -9.90
CA ALA B 409 -16.45 -39.02 -8.94
C ALA B 409 -17.66 -38.29 -8.33
N LEU B 410 -17.77 -36.98 -8.55
CA LEU B 410 -18.88 -36.13 -8.04
C LEU B 410 -20.22 -36.70 -8.55
N LYS B 411 -21.16 -37.01 -7.64
CA LYS B 411 -22.50 -37.59 -7.97
C LYS B 411 -23.61 -36.61 -7.59
#